data_2GAF
#
_entry.id   2GAF
#
_cell.length_a   69.085
_cell.length_b   91.260
_cell.length_c   133.460
_cell.angle_alpha   90.00
_cell.angle_beta   90.00
_cell.angle_gamma   90.00
#
_symmetry.space_group_name_H-M   'P 21 21 21'
#
loop_
_entity.id
_entity.type
_entity.pdbx_description
1 polymer "Cap-specific mRNA (nucleoside-2'-O-)-methyltransferase"
2 polymer 'Poly(A) polymerase catalytic subunit'
3 water water
#
loop_
_entity_poly.entity_id
_entity_poly.type
_entity_poly.pdbx_seq_one_letter_code
_entity_poly.pdbx_strand_id
1 'polypeptide(L)'
;(MSE)DVVSLDKPF(MSE)YFEEIDNELDYEPESANEVAKKLPYQGQLKLLLGELFFLSKLQRHGILDGATVVYIGSAPG
THIRYLRDHFYNLGVIIKW(MSE)LIDGRHHDPILNGLRDVTLVTRFVDEEYLRSIKKQLHPSKIILISDVASAAGGNEP
STADLLSNYALQNV(MSE)ISILNPVASSLKWRCPFPDQWIKDFYIPHGNK(MSE)LQPFAPSYSAE(MSE)RLLSIYTG
EN(MSE)RLTRVTKSDAVNYEKK(MSE)YYLNKIVRNKVVVNFDYPNQEYDYFH(MSE)YF(MSE)LRTVYCNKTFPTTK
AKVLFLQQSIFRFLNIP
;
A
2 'polypeptide(L)'
;PNITLKIIETYLGRVPSVNEYHMLKSQARNIQKITVFNKDIFVSLVKKNKKRFFSDVNTSASEIKDRILSYFSKQTQTYN
IGKLFTIIELQSVLVTTYTDILGVLTIKAPNVISSKISYNVTSMEELARDMLNSMNVAVIDKAKVMGRHNVSSLVKNVNK
LMEEYLRRHNKSCICYGSYSLYLINPNIRYGDIDILQTNSRTFLIDLAFLIKFITGNNIILSKIPYLRNYMVIKDENDNH
IIDSFNIRQDTMNVVPKIFIDNIYIVDPTFQLLNMIKMFSQIDRLEDLSKDPEKFNARMATMLEYVRYTHGIVFDGKRNN
MPMKCIIDENNRIVTVTTKDYFSFKKCLVYLDENVLSSDILDLNADTSCDFESVTNSVYLIHDNIMYTYFSNTILLSDKG
KVHEISARGLCAHILLYQMLTSGEYKQCLSDLLNSMMNRDKIPIYSHTERDKKPGRHGFINIEKDIIVF
;
D
#
# COMPACT_ATOMS: atom_id res chain seq x y z
N MSE A 1 -1.10 36.76 27.16
CA MSE A 1 0.22 36.07 27.28
C MSE A 1 0.63 35.58 25.89
O MSE A 1 -0.07 35.88 24.91
CB MSE A 1 0.08 34.89 28.23
CG MSE A 1 1.38 34.32 28.73
SE MSE A 1 0.99 32.99 30.03
CE MSE A 1 0.64 34.15 31.56
N ASP A 2 1.73 34.87 25.77
CA ASP A 2 2.13 34.39 24.46
C ASP A 2 1.64 33.00 24.09
N VAL A 3 0.39 33.02 23.63
CA VAL A 3 -0.32 31.85 23.17
C VAL A 3 -0.74 32.24 21.77
N VAL A 4 -1.45 31.38 21.06
CA VAL A 4 -1.86 31.70 19.71
C VAL A 4 -2.88 30.70 19.16
N SER A 5 -3.57 31.08 18.10
CA SER A 5 -4.55 30.19 17.48
C SER A 5 -4.25 30.11 15.98
N LEU A 6 -4.12 28.89 15.47
CA LEU A 6 -3.81 28.70 14.06
C LEU A 6 -4.71 27.63 13.46
N ASP A 7 -4.94 27.73 12.16
CA ASP A 7 -5.77 26.79 11.43
C ASP A 7 -5.07 25.43 11.32
N LYS A 8 -3.77 25.49 11.07
CA LYS A 8 -2.93 24.32 10.90
C LYS A 8 -1.50 24.69 11.25
N PRO A 9 -0.66 23.67 11.52
CA PRO A 9 0.73 24.02 11.84
C PRO A 9 1.51 24.18 10.54
N PHE A 10 2.72 24.72 10.61
CA PHE A 10 3.51 24.84 9.39
C PHE A 10 4.07 23.44 9.07
N MSE A 11 3.60 22.86 7.97
CA MSE A 11 4.02 21.52 7.54
C MSE A 11 5.25 21.53 6.64
O MSE A 11 6.12 20.65 6.75
CB MSE A 11 2.87 20.84 6.76
CG MSE A 11 1.60 20.61 7.57
SE MSE A 11 1.85 19.32 8.99
CE MSE A 11 2.12 17.72 7.95
N TYR A 12 5.32 22.52 5.75
CA TYR A 12 6.43 22.66 4.81
C TYR A 12 6.97 24.09 4.80
N PHE A 13 8.27 24.21 4.58
CA PHE A 13 8.97 25.50 4.58
C PHE A 13 8.29 26.64 3.80
N GLU A 14 7.80 26.32 2.61
CA GLU A 14 7.13 27.30 1.76
C GLU A 14 5.88 27.90 2.40
N GLU A 15 5.41 27.31 3.50
CA GLU A 15 4.21 27.82 4.16
C GLU A 15 4.51 28.85 5.23
N ILE A 16 5.77 28.90 5.67
CA ILE A 16 6.19 29.85 6.69
C ILE A 16 6.07 31.24 6.06
N ASP A 17 5.15 32.03 6.61
CA ASP A 17 4.83 33.37 6.11
C ASP A 17 5.48 34.57 6.83
N ASN A 18 6.67 34.40 7.37
CA ASN A 18 7.32 35.52 8.07
C ASN A 18 8.79 35.26 8.27
N GLU A 19 9.51 36.29 8.73
CA GLU A 19 10.93 36.16 8.98
C GLU A 19 11.46 37.13 10.03
N LEU A 20 12.57 36.75 10.64
CA LEU A 20 13.22 37.57 11.65
C LEU A 20 14.71 37.49 11.34
N ASP A 21 15.48 38.46 11.82
CA ASP A 21 16.90 38.42 11.58
C ASP A 21 17.49 37.50 12.63
N TYR A 22 18.32 36.55 12.20
CA TYR A 22 18.94 35.61 13.11
C TYR A 22 19.78 36.34 14.14
N GLU A 23 19.91 35.76 15.32
CA GLU A 23 20.70 36.33 16.41
C GLU A 23 21.70 35.28 16.92
N PRO A 24 23.01 35.51 16.70
CA PRO A 24 24.10 34.61 17.11
C PRO A 24 24.18 34.28 18.61
N GLU A 25 23.13 34.61 19.35
CA GLU A 25 23.13 34.36 20.80
C GLU A 25 22.39 33.08 21.20
N SER A 26 21.21 32.86 20.63
CA SER A 26 20.41 31.67 20.94
C SER A 26 21.14 30.38 20.57
N LYS A 32 16.79 22.03 22.72
CA LYS A 32 15.88 20.92 23.03
C LYS A 32 15.88 20.59 24.53
N LYS A 33 14.74 20.12 25.03
CA LYS A 33 14.59 19.76 26.44
C LYS A 33 13.80 18.44 26.64
N LEU A 34 14.06 17.43 25.80
CA LEU A 34 13.37 16.15 25.93
C LEU A 34 14.34 14.99 25.70
N PRO A 35 14.14 13.87 26.40
CA PRO A 35 15.02 12.70 26.26
C PRO A 35 14.67 11.89 25.00
N TYR A 36 15.70 11.57 24.21
CA TYR A 36 15.52 10.80 22.99
C TYR A 36 14.76 11.63 21.96
N GLN A 37 14.64 12.93 22.23
CA GLN A 37 13.93 13.84 21.33
C GLN A 37 14.41 13.66 19.90
N GLY A 38 15.71 13.44 19.74
CA GLY A 38 16.26 13.24 18.41
C GLY A 38 15.67 12.01 17.75
N GLN A 39 15.33 11.01 18.56
CA GLN A 39 14.75 9.78 18.05
C GLN A 39 13.28 9.98 17.70
N LEU A 40 12.61 10.82 18.48
CA LEU A 40 11.20 11.11 18.24
C LEU A 40 11.12 11.91 16.94
N LYS A 41 12.04 12.85 16.77
CA LYS A 41 12.08 13.69 15.57
C LYS A 41 12.19 12.81 14.33
N LEU A 42 13.14 11.88 14.36
CA LEU A 42 13.33 10.99 13.22
C LEU A 42 12.10 10.11 13.03
N LEU A 43 11.63 9.51 14.13
CA LEU A 43 10.44 8.65 14.10
C LEU A 43 9.23 9.32 13.42
N LEU A 44 8.85 10.49 13.91
CA LEU A 44 7.70 11.22 13.35
C LEU A 44 7.84 11.51 11.86
N GLY A 45 8.98 12.09 11.47
CA GLY A 45 9.21 12.44 10.07
C GLY A 45 9.24 11.28 9.09
N GLU A 46 9.77 10.14 9.52
CA GLU A 46 9.84 8.97 8.66
C GLU A 46 8.49 8.27 8.64
N LEU A 47 7.79 8.30 9.77
CA LEU A 47 6.47 7.71 9.89
C LEU A 47 5.55 8.51 8.97
N PHE A 48 5.74 9.83 8.98
CA PHE A 48 4.94 10.72 8.14
C PHE A 48 5.30 10.40 6.69
N PHE A 49 6.60 10.37 6.37
CA PHE A 49 7.07 10.06 5.02
C PHE A 49 6.53 8.72 4.52
N LEU A 50 6.91 7.63 5.19
CA LEU A 50 6.47 6.31 4.78
C LEU A 50 4.96 6.23 4.67
N SER A 51 4.28 6.86 5.62
CA SER A 51 2.83 6.87 5.60
C SER A 51 2.30 7.54 4.35
N LYS A 52 2.89 8.66 3.95
CA LYS A 52 2.42 9.32 2.74
C LYS A 52 2.60 8.33 1.59
N LEU A 53 3.77 7.71 1.52
CA LEU A 53 4.03 6.74 0.46
C LEU A 53 3.05 5.57 0.53
N GLN A 54 2.59 5.22 1.73
CA GLN A 54 1.64 4.11 1.87
C GLN A 54 0.34 4.54 1.24
N ARG A 55 -0.09 5.74 1.57
CA ARG A 55 -1.33 6.35 1.08
C ARG A 55 -1.41 6.47 -0.43
N HIS A 56 -0.28 6.76 -1.06
CA HIS A 56 -0.27 6.92 -2.52
C HIS A 56 0.16 5.69 -3.28
N GLY A 57 0.06 4.54 -2.63
CA GLY A 57 0.38 3.26 -3.25
C GLY A 57 1.82 2.96 -3.56
N ILE A 58 2.74 3.81 -3.14
CA ILE A 58 4.12 3.58 -3.50
C ILE A 58 4.95 2.73 -2.52
N LEU A 59 4.51 2.62 -1.28
CA LEU A 59 5.28 1.82 -0.33
C LEU A 59 5.19 0.29 -0.53
N ASP A 60 4.03 -0.18 -0.99
CA ASP A 60 3.82 -1.62 -1.16
C ASP A 60 4.85 -2.41 -1.93
N GLY A 61 5.49 -3.37 -1.25
CA GLY A 61 6.47 -4.21 -1.89
C GLY A 61 7.80 -3.53 -2.14
N ALA A 62 7.95 -2.31 -1.61
CA ALA A 62 9.19 -1.56 -1.82
C ALA A 62 10.33 -1.98 -0.88
N THR A 63 11.57 -1.73 -1.32
CA THR A 63 12.74 -1.97 -0.51
C THR A 63 13.08 -0.55 -0.04
N VAL A 64 13.21 -0.34 1.26
CA VAL A 64 13.54 0.98 1.77
C VAL A 64 15.03 0.99 2.06
N VAL A 65 15.76 1.89 1.42
CA VAL A 65 17.19 1.98 1.63
C VAL A 65 17.46 3.21 2.47
N TYR A 66 17.99 2.97 3.65
CA TYR A 66 18.27 4.00 4.61
C TYR A 66 19.79 4.05 4.74
N ILE A 67 20.36 5.19 4.37
CA ILE A 67 21.81 5.38 4.42
C ILE A 67 22.12 6.37 5.53
N GLY A 68 22.92 5.92 6.49
CA GLY A 68 23.26 6.76 7.64
C GLY A 68 22.17 6.55 8.69
N SER A 69 21.66 5.32 8.73
CA SER A 69 20.60 4.93 9.66
C SER A 69 21.00 4.68 11.10
N ALA A 70 22.27 4.39 11.36
CA ALA A 70 22.69 4.12 12.73
C ALA A 70 22.55 5.34 13.64
N PRO A 71 22.17 5.12 14.90
CA PRO A 71 21.89 3.80 15.50
C PRO A 71 20.53 3.26 15.08
N GLY A 72 19.66 4.18 14.66
CA GLY A 72 18.33 3.85 14.17
C GLY A 72 17.37 3.06 15.05
N THR A 73 17.42 3.29 16.34
CA THR A 73 16.52 2.58 17.26
C THR A 73 15.06 2.71 16.81
N HIS A 74 14.67 3.93 16.44
CA HIS A 74 13.29 4.21 16.03
C HIS A 74 12.77 3.42 14.84
N ILE A 75 13.69 2.95 14.00
CA ILE A 75 13.31 2.21 12.80
C ILE A 75 12.58 0.91 13.14
N ARG A 76 12.92 0.32 14.28
CA ARG A 76 12.26 -0.91 14.72
C ARG A 76 10.78 -0.62 14.89
N TYR A 77 10.46 0.60 15.30
CA TYR A 77 9.05 0.96 15.48
C TYR A 77 8.35 1.13 14.13
N LEU A 78 9.06 1.71 13.16
CA LEU A 78 8.48 1.90 11.83
C LEU A 78 8.21 0.55 11.25
N ARG A 79 9.23 -0.29 11.30
CA ARG A 79 9.16 -1.64 10.78
C ARG A 79 7.99 -2.42 11.37
N ASP A 80 7.87 -2.42 12.70
CA ASP A 80 6.77 -3.14 13.35
C ASP A 80 5.42 -2.53 12.96
N HIS A 81 5.39 -1.20 12.84
CA HIS A 81 4.15 -0.51 12.48
C HIS A 81 3.60 -1.01 11.15
N PHE A 82 4.38 -0.87 10.09
CA PHE A 82 3.96 -1.30 8.76
C PHE A 82 3.85 -2.81 8.63
N TYR A 83 4.67 -3.53 9.39
CA TYR A 83 4.59 -4.97 9.31
C TYR A 83 3.18 -5.40 9.72
N ASN A 84 2.74 -4.91 10.86
CA ASN A 84 1.43 -5.26 11.38
C ASN A 84 0.27 -4.74 10.53
N LEU A 85 0.57 -3.85 9.59
CA LEU A 85 -0.45 -3.31 8.71
C LEU A 85 -0.54 -4.19 7.47
N GLY A 86 0.39 -5.14 7.36
CA GLY A 86 0.38 -6.03 6.22
C GLY A 86 1.08 -5.46 5.01
N VAL A 87 1.71 -4.30 5.18
CA VAL A 87 2.42 -3.66 4.07
C VAL A 87 3.74 -4.40 3.86
N ILE A 88 3.90 -4.96 2.68
CA ILE A 88 5.13 -5.69 2.44
C ILE A 88 6.28 -4.75 2.15
N ILE A 89 7.31 -4.85 2.99
CA ILE A 89 8.48 -4.01 2.84
C ILE A 89 9.76 -4.76 3.14
N LYS A 90 10.83 -4.38 2.45
CA LYS A 90 12.14 -4.96 2.67
C LYS A 90 12.97 -3.75 3.08
N TRP A 91 13.59 -3.82 4.26
CA TRP A 91 14.41 -2.73 4.76
C TRP A 91 15.88 -2.98 4.63
N MSE A 92 16.61 -1.97 4.17
CA MSE A 92 18.05 -2.10 4.05
C MSE A 92 18.72 -0.87 4.67
O MSE A 92 18.56 0.25 4.19
CB MSE A 92 18.45 -2.24 2.58
CG MSE A 92 19.83 -2.83 2.44
SE MSE A 92 20.39 -2.95 0.64
CE MSE A 92 22.11 -3.79 0.90
N LEU A 93 19.46 -1.11 5.75
CA LEU A 93 20.10 -0.03 6.47
C LEU A 93 21.63 -0.06 6.25
N ILE A 94 22.18 1.04 5.75
CA ILE A 94 23.61 1.11 5.50
C ILE A 94 24.20 2.21 6.37
N ASP A 95 25.28 1.90 7.08
CA ASP A 95 25.92 2.89 7.92
C ASP A 95 27.35 2.47 8.24
N GLY A 96 28.22 3.46 8.35
CA GLY A 96 29.61 3.19 8.65
C GLY A 96 29.71 2.60 10.05
N ARG A 97 28.73 2.95 10.88
CA ARG A 97 28.68 2.48 12.25
C ARG A 97 27.53 1.49 12.46
N HIS A 98 27.59 0.73 13.56
CA HIS A 98 26.58 -0.27 13.86
C HIS A 98 25.26 0.30 14.36
N HIS A 99 24.18 -0.42 14.06
CA HIS A 99 22.84 -0.05 14.48
C HIS A 99 22.48 -0.72 15.80
N ASP A 100 21.33 -0.33 16.35
CA ASP A 100 20.81 -0.89 17.59
C ASP A 100 20.56 -2.37 17.36
N PRO A 101 20.94 -3.24 18.31
CA PRO A 101 20.71 -4.69 18.16
C PRO A 101 19.26 -5.11 18.04
N ILE A 102 18.30 -4.26 18.43
CA ILE A 102 16.90 -4.65 18.30
C ILE A 102 16.47 -4.72 16.83
N LEU A 103 17.44 -4.50 15.95
CA LEU A 103 17.18 -4.55 14.51
C LEU A 103 17.70 -5.87 13.93
N ASN A 104 18.56 -6.56 14.69
CA ASN A 104 19.13 -7.83 14.27
C ASN A 104 18.12 -8.93 14.48
N GLY A 105 18.30 -10.05 13.78
CA GLY A 105 17.38 -11.16 13.95
C GLY A 105 16.03 -10.96 13.32
N LEU A 106 16.01 -10.27 12.19
CA LEU A 106 14.75 -10.02 11.48
C LEU A 106 15.00 -10.33 10.01
N ARG A 107 14.18 -11.22 9.44
CA ARG A 107 14.31 -11.60 8.04
C ARG A 107 14.13 -10.42 7.08
N ASP A 108 13.15 -9.56 7.38
CA ASP A 108 12.87 -8.43 6.52
C ASP A 108 13.81 -7.24 6.62
N VAL A 109 14.80 -7.29 7.52
CA VAL A 109 15.73 -6.17 7.59
C VAL A 109 17.20 -6.62 7.49
N THR A 110 17.91 -6.02 6.54
CA THR A 110 19.32 -6.29 6.27
C THR A 110 20.20 -5.18 6.83
N LEU A 111 21.10 -5.53 7.75
CA LEU A 111 21.99 -4.54 8.34
C LEU A 111 23.34 -4.58 7.65
N VAL A 112 23.80 -3.42 7.18
CA VAL A 112 25.07 -3.31 6.50
C VAL A 112 25.98 -2.29 7.17
N THR A 113 27.18 -2.71 7.57
CA THR A 113 28.07 -1.76 8.19
C THR A 113 29.20 -1.45 7.22
N ARG A 114 28.96 -0.47 6.38
CA ARG A 114 29.93 -0.04 5.39
C ARG A 114 29.76 1.42 5.07
N PHE A 115 30.86 2.06 4.73
CA PHE A 115 30.79 3.45 4.35
C PHE A 115 30.51 3.40 2.85
N VAL A 116 29.42 4.03 2.42
CA VAL A 116 29.08 3.97 1.01
C VAL A 116 29.82 4.96 0.16
N ASP A 117 30.08 4.56 -1.08
CA ASP A 117 30.75 5.39 -2.07
C ASP A 117 30.15 5.01 -3.42
N GLU A 118 30.26 5.91 -4.40
CA GLU A 118 29.71 5.68 -5.73
C GLU A 118 29.78 4.20 -6.15
N GLU A 119 30.90 3.57 -5.84
CA GLU A 119 31.18 2.17 -6.17
C GLU A 119 30.19 1.18 -5.53
N TYR A 120 30.05 1.27 -4.21
CA TYR A 120 29.15 0.40 -3.46
C TYR A 120 27.70 0.59 -3.90
N LEU A 121 27.29 1.83 -4.08
CA LEU A 121 25.93 2.10 -4.51
C LEU A 121 25.58 1.34 -5.79
N ARG A 122 26.42 1.47 -6.80
CA ARG A 122 26.16 0.76 -8.05
C ARG A 122 25.89 -0.72 -7.75
N SER A 123 26.77 -1.31 -6.95
CA SER A 123 26.67 -2.71 -6.59
C SER A 123 25.34 -3.10 -5.96
N ILE A 124 24.89 -2.39 -4.93
CA ILE A 124 23.63 -2.77 -4.30
C ILE A 124 22.41 -2.54 -5.21
N LYS A 125 22.58 -1.68 -6.21
CA LYS A 125 21.50 -1.42 -7.14
C LYS A 125 21.39 -2.61 -8.08
N LYS A 126 22.52 -3.14 -8.55
CA LYS A 126 22.48 -4.31 -9.43
C LYS A 126 21.92 -5.48 -8.65
N GLN A 127 22.09 -5.43 -7.34
CA GLN A 127 21.61 -6.50 -6.46
C GLN A 127 20.12 -6.39 -6.20
N LEU A 128 19.66 -5.18 -5.88
CA LEU A 128 18.25 -4.91 -5.59
C LEU A 128 17.35 -5.03 -6.81
N HIS A 129 17.80 -4.47 -7.93
CA HIS A 129 17.05 -4.46 -9.18
C HIS A 129 16.34 -5.80 -9.42
N PRO A 130 15.12 -5.76 -9.95
CA PRO A 130 14.31 -4.58 -10.32
C PRO A 130 13.41 -4.03 -9.22
N SER A 131 13.76 -4.30 -7.96
CA SER A 131 12.97 -3.81 -6.83
C SER A 131 12.78 -2.31 -6.88
N LYS A 132 11.62 -1.88 -6.41
CA LYS A 132 11.27 -0.47 -6.34
C LYS A 132 11.96 0.06 -5.07
N ILE A 133 12.78 1.11 -5.21
CA ILE A 133 13.55 1.68 -4.10
C ILE A 133 13.07 2.98 -3.47
N ILE A 134 12.96 2.99 -2.14
CA ILE A 134 12.59 4.20 -1.44
C ILE A 134 13.85 4.55 -0.65
N LEU A 135 14.35 5.76 -0.83
CA LEU A 135 15.58 6.22 -0.18
C LEU A 135 15.38 7.22 0.93
N ILE A 136 16.06 6.96 2.05
CA ILE A 136 16.02 7.83 3.21
C ILE A 136 17.48 8.08 3.55
N SER A 137 17.91 9.33 3.46
CA SER A 137 19.29 9.69 3.75
C SER A 137 19.39 10.63 4.94
N ASP A 138 20.20 10.23 5.91
CA ASP A 138 20.41 10.97 7.13
C ASP A 138 21.91 10.98 7.34
N VAL A 139 22.64 11.02 6.23
CA VAL A 139 24.10 11.01 6.27
C VAL A 139 24.69 12.30 6.84
N ALA A 140 25.98 12.24 7.19
CA ALA A 140 26.67 13.39 7.75
C ALA A 140 28.17 13.18 7.69
N SER A 141 28.89 13.85 8.59
CA SER A 141 30.34 13.75 8.69
C SER A 141 30.77 13.70 10.15
N PRO A 148 28.97 20.48 11.45
CA PRO A 148 29.61 20.27 10.16
C PRO A 148 29.94 21.62 9.53
N SER A 149 30.83 21.62 8.53
CA SER A 149 31.20 22.86 7.86
C SER A 149 30.48 22.91 6.52
N THR A 150 30.43 24.09 5.89
CA THR A 150 29.76 24.22 4.61
C THR A 150 30.40 23.25 3.61
N ALA A 151 31.72 23.16 3.62
CA ALA A 151 32.40 22.25 2.70
C ALA A 151 31.94 20.81 2.95
N ASP A 152 31.73 20.44 4.21
CA ASP A 152 31.26 19.09 4.52
C ASP A 152 29.85 18.89 3.96
N LEU A 153 28.98 19.87 4.21
CA LEU A 153 27.60 19.80 3.74
C LEU A 153 27.52 19.62 2.22
N LEU A 154 28.30 20.42 1.49
CA LEU A 154 28.29 20.33 0.04
C LEU A 154 28.71 18.95 -0.47
N SER A 155 29.67 18.35 0.21
CA SER A 155 30.17 17.03 -0.15
C SER A 155 29.07 16.00 0.15
N ASN A 156 28.36 16.19 1.25
CA ASN A 156 27.30 15.29 1.64
C ASN A 156 26.17 15.40 0.62
N TYR A 157 25.81 16.62 0.27
CA TYR A 157 24.74 16.83 -0.69
C TYR A 157 25.09 16.32 -2.09
N ALA A 158 26.35 16.49 -2.48
CA ALA A 158 26.83 16.02 -3.77
C ALA A 158 26.70 14.52 -3.76
N LEU A 159 27.02 13.90 -2.62
CA LEU A 159 26.93 12.47 -2.49
C LEU A 159 25.48 12.03 -2.60
N GLN A 160 24.58 12.73 -1.91
CA GLN A 160 23.18 12.35 -1.97
C GLN A 160 22.65 12.37 -3.40
N ASN A 161 23.17 13.27 -4.23
CA ASN A 161 22.73 13.35 -5.62
C ASN A 161 23.25 12.18 -6.45
N VAL A 162 24.37 11.59 -6.06
CA VAL A 162 24.90 10.46 -6.80
C VAL A 162 24.04 9.25 -6.45
N MSE A 163 23.64 9.17 -5.18
CA MSE A 163 22.79 8.08 -4.67
C MSE A 163 21.54 8.01 -5.53
O MSE A 163 21.29 6.99 -6.20
CB MSE A 163 22.32 8.37 -3.25
CG MSE A 163 23.30 8.10 -2.14
SE MSE A 163 22.49 8.82 -0.52
CE MSE A 163 24.08 8.96 0.61
N ILE A 164 20.73 9.06 -5.47
CA ILE A 164 19.51 9.15 -6.25
C ILE A 164 19.78 8.71 -7.69
N SER A 165 20.73 9.36 -8.35
CA SER A 165 21.00 9.03 -9.74
C SER A 165 21.40 7.57 -9.95
N ILE A 166 22.01 6.95 -8.95
CA ILE A 166 22.40 5.54 -9.08
C ILE A 166 21.27 4.56 -8.75
N LEU A 167 20.61 4.79 -7.61
CA LEU A 167 19.53 3.92 -7.14
C LEU A 167 18.22 4.18 -7.87
N ASN A 168 18.08 5.39 -8.41
CA ASN A 168 16.86 5.78 -9.10
C ASN A 168 15.63 5.40 -8.29
N PRO A 169 15.57 5.85 -7.03
CA PRO A 169 14.42 5.53 -6.16
C PRO A 169 13.15 6.22 -6.65
N VAL A 170 12.00 5.63 -6.35
CA VAL A 170 10.72 6.19 -6.74
C VAL A 170 10.40 7.38 -5.84
N ALA A 171 11.07 7.44 -4.70
CA ALA A 171 10.87 8.53 -3.75
C ALA A 171 11.99 8.60 -2.73
N SER A 172 12.27 9.79 -2.25
CA SER A 172 13.34 9.98 -1.25
C SER A 172 13.03 11.00 -0.17
N SER A 173 13.69 10.81 0.96
CA SER A 173 13.57 11.70 2.08
C SER A 173 15.01 11.97 2.39
N LEU A 174 15.43 13.22 2.21
CA LEU A 174 16.82 13.54 2.45
C LEU A 174 17.03 14.59 3.54
N LYS A 175 18.09 14.43 4.32
CA LYS A 175 18.38 15.40 5.35
C LYS A 175 18.74 16.67 4.58
N TRP A 176 18.05 17.76 4.88
CA TRP A 176 18.26 19.01 4.17
C TRP A 176 18.49 20.21 5.08
N ARG A 177 19.73 20.69 5.15
CA ARG A 177 20.05 21.87 5.96
C ARG A 177 20.94 22.81 5.15
N CYS A 178 20.40 23.95 4.78
CA CYS A 178 21.14 24.92 4.00
C CYS A 178 22.31 25.55 4.75
N PRO A 179 23.46 25.70 4.07
CA PRO A 179 24.64 26.30 4.70
C PRO A 179 24.28 27.72 5.12
N PHE A 180 24.86 28.20 6.21
CA PHE A 180 24.59 29.56 6.70
C PHE A 180 25.10 30.59 5.70
N PRO A 181 24.36 31.68 5.50
CA PRO A 181 24.78 32.71 4.54
C PRO A 181 26.17 33.29 4.82
N ASP A 182 26.51 33.41 6.10
CA ASP A 182 27.80 33.95 6.47
C ASP A 182 28.93 32.94 6.32
N GLN A 183 28.57 31.72 5.93
CA GLN A 183 29.56 30.66 5.73
C GLN A 183 29.41 30.08 4.33
N TRP A 184 28.87 30.88 3.42
CA TRP A 184 28.66 30.45 2.04
C TRP A 184 29.98 30.13 1.33
N ILE A 185 29.92 29.18 0.39
CA ILE A 185 31.08 28.80 -0.41
C ILE A 185 30.71 29.11 -1.85
N LYS A 186 29.87 28.24 -2.43
CA LYS A 186 29.41 28.37 -3.81
C LYS A 186 28.00 27.78 -3.94
N ASP A 187 27.37 27.95 -5.08
CA ASP A 187 26.03 27.43 -5.30
C ASP A 187 26.01 25.94 -5.61
N PHE A 188 24.94 25.27 -5.22
CA PHE A 188 24.79 23.85 -5.50
C PHE A 188 23.36 23.49 -5.88
N TYR A 189 23.12 22.23 -6.24
CA TYR A 189 21.82 21.76 -6.68
C TYR A 189 21.27 20.60 -5.88
N ILE A 190 20.00 20.65 -5.54
CA ILE A 190 19.41 19.53 -4.81
C ILE A 190 18.16 19.08 -5.53
N PRO A 191 17.71 17.85 -5.25
CA PRO A 191 16.51 17.34 -5.90
C PRO A 191 15.32 18.23 -5.58
N HIS A 192 14.41 18.35 -6.55
CA HIS A 192 13.20 19.14 -6.33
C HIS A 192 12.35 18.37 -5.32
N GLY A 193 11.64 19.08 -4.46
CA GLY A 193 10.80 18.42 -3.48
C GLY A 193 10.24 19.33 -2.40
N ASN A 194 9.41 18.77 -1.52
CA ASN A 194 8.84 19.53 -0.40
C ASN A 194 9.80 19.47 0.77
N LYS A 195 9.99 20.59 1.43
CA LYS A 195 10.92 20.64 2.55
C LYS A 195 10.16 20.55 3.87
N MSE A 196 9.88 19.30 4.27
CA MSE A 196 9.14 19.00 5.49
C MSE A 196 9.81 19.52 6.77
O MSE A 196 10.97 19.23 7.06
CB MSE A 196 8.95 17.48 5.59
CG MSE A 196 8.19 17.00 6.83
SE MSE A 196 8.45 15.10 7.19
CE MSE A 196 9.97 15.23 8.37
N LEU A 197 9.07 20.32 7.53
CA LEU A 197 9.60 20.86 8.78
C LEU A 197 9.57 19.74 9.82
N GLN A 198 10.45 19.80 10.81
CA GLN A 198 10.50 18.73 11.82
C GLN A 198 10.15 19.11 13.25
N PRO A 199 9.05 18.56 13.79
CA PRO A 199 8.77 18.92 15.18
C PRO A 199 9.73 18.18 16.12
N PHE A 200 10.00 18.80 17.26
CA PHE A 200 10.89 18.27 18.27
C PHE A 200 12.35 18.35 17.83
N ALA A 201 12.60 19.19 16.84
CA ALA A 201 13.94 19.41 16.37
C ALA A 201 14.58 20.32 17.41
N PRO A 202 15.93 20.36 17.47
CA PRO A 202 16.57 21.23 18.46
C PRO A 202 16.01 22.66 18.38
N SER A 203 15.93 23.30 19.53
CA SER A 203 15.40 24.66 19.68
C SER A 203 15.60 25.62 18.52
N TYR A 204 16.80 25.65 17.95
CA TYR A 204 17.09 26.55 16.83
C TYR A 204 17.71 25.91 15.61
N SER A 205 17.39 24.64 15.39
CA SER A 205 17.88 23.88 14.23
C SER A 205 17.10 24.36 13.00
N ALA A 206 17.78 24.48 11.87
CA ALA A 206 17.11 24.91 10.64
C ALA A 206 17.10 23.74 9.69
N GLU A 207 17.23 22.55 10.27
CA GLU A 207 17.26 21.32 9.49
C GLU A 207 15.86 20.87 9.13
N MSE A 208 15.68 20.51 7.87
CA MSE A 208 14.40 20.03 7.38
C MSE A 208 14.55 18.73 6.61
O MSE A 208 15.64 18.22 6.44
CB MSE A 208 13.70 21.09 6.51
CG MSE A 208 14.61 21.85 5.56
SE MSE A 208 13.90 23.66 5.25
CE MSE A 208 15.14 24.63 6.39
N ARG A 209 13.43 18.19 6.14
CA ARG A 209 13.44 16.94 5.41
C ARG A 209 12.94 17.18 3.99
N LEU A 210 13.81 17.02 3.00
CA LEU A 210 13.41 17.22 1.60
C LEU A 210 12.71 15.99 1.05
N LEU A 211 11.40 16.10 0.84
CA LEU A 211 10.62 14.97 0.33
C LEU A 211 10.39 15.05 -1.17
N SER A 212 10.69 13.96 -1.87
CA SER A 212 10.53 13.91 -3.30
C SER A 212 9.91 12.61 -3.80
N ILE A 213 9.04 12.74 -4.81
CA ILE A 213 8.38 11.62 -5.49
C ILE A 213 8.83 11.89 -6.92
N TYR A 214 9.63 11.00 -7.50
CA TYR A 214 10.17 11.21 -8.85
C TYR A 214 9.25 10.88 -10.02
N THR A 215 9.55 11.47 -11.19
CA THR A 215 8.75 11.20 -12.39
C THR A 215 9.52 10.08 -13.05
N GLY A 216 10.19 10.37 -14.15
CA GLY A 216 10.92 9.31 -14.81
C GLY A 216 12.16 9.78 -15.55
N GLU A 217 12.36 11.08 -15.59
CA GLU A 217 13.56 11.44 -16.30
C GLU A 217 14.34 12.05 -15.21
N ASN A 218 14.66 13.32 -15.39
CA ASN A 218 15.43 14.08 -14.42
C ASN A 218 14.92 13.86 -13.02
N MSE A 219 15.74 14.28 -12.05
CA MSE A 219 15.38 14.24 -10.65
C MSE A 219 15.12 15.74 -10.36
O MSE A 219 15.17 16.20 -9.23
CB MSE A 219 16.52 13.67 -9.80
CG MSE A 219 17.88 14.24 -10.10
SE MSE A 219 19.30 13.19 -9.30
CE MSE A 219 19.61 11.95 -10.77
N ARG A 220 14.80 16.46 -11.44
CA ARG A 220 14.51 17.89 -11.42
C ARG A 220 15.35 18.71 -10.43
N LEU A 221 16.63 18.87 -10.74
CA LEU A 221 17.55 19.60 -9.87
C LEU A 221 17.34 21.10 -9.88
N THR A 222 17.21 21.69 -8.70
CA THR A 222 17.02 23.12 -8.62
C THR A 222 18.27 23.67 -7.90
N ARG A 223 18.61 24.91 -8.22
CA ARG A 223 19.78 25.56 -7.63
C ARG A 223 19.51 26.22 -6.27
N VAL A 224 20.47 26.14 -5.37
CA VAL A 224 20.30 26.78 -4.08
C VAL A 224 21.37 27.86 -4.02
N THR A 225 20.94 29.09 -3.74
CA THR A 225 21.87 30.21 -3.69
C THR A 225 22.07 30.78 -2.29
N LYS A 226 23.00 31.72 -2.18
CA LYS A 226 23.27 32.37 -0.91
C LYS A 226 22.03 33.16 -0.52
N SER A 227 21.30 33.66 -1.52
CA SER A 227 20.09 34.42 -1.27
C SER A 227 19.05 33.46 -0.70
N ASP A 228 19.02 32.23 -1.23
CA ASP A 228 18.09 31.22 -0.70
C ASP A 228 18.54 30.83 0.72
N ALA A 229 19.85 30.77 0.93
CA ALA A 229 20.40 30.41 2.23
C ALA A 229 19.97 31.42 3.30
N VAL A 230 19.83 32.68 2.90
CA VAL A 230 19.42 33.75 3.81
C VAL A 230 17.93 33.62 4.17
N ASN A 231 17.10 33.42 3.15
CA ASN A 231 15.66 33.24 3.36
C ASN A 231 15.50 32.08 4.34
N TYR A 232 16.19 30.97 4.06
CA TYR A 232 16.14 29.81 4.93
C TYR A 232 16.38 30.19 6.37
N GLU A 233 17.53 30.82 6.63
CA GLU A 233 17.90 31.22 7.99
C GLU A 233 16.87 32.13 8.63
N LYS A 234 16.36 33.09 7.86
CA LYS A 234 15.36 34.01 8.39
C LYS A 234 14.11 33.22 8.76
N LYS A 235 13.41 32.72 7.74
CA LYS A 235 12.20 31.95 7.99
C LYS A 235 12.35 31.00 9.15
N MSE A 236 13.41 30.21 9.15
CA MSE A 236 13.62 29.25 10.21
C MSE A 236 13.82 29.89 11.58
O MSE A 236 13.36 29.34 12.58
CB MSE A 236 14.78 28.32 9.88
CG MSE A 236 14.47 27.36 8.72
SE MSE A 236 12.85 26.29 8.95
CE MSE A 236 13.53 24.99 10.19
N TYR A 237 14.50 31.03 11.63
CA TYR A 237 14.70 31.67 12.93
C TYR A 237 13.37 32.21 13.43
N TYR A 238 12.53 32.63 12.49
CA TYR A 238 11.23 33.14 12.85
C TYR A 238 10.37 32.01 13.41
N LEU A 239 10.47 30.83 12.81
CA LEU A 239 9.69 29.68 13.23
C LEU A 239 10.13 29.22 14.61
N ASN A 240 11.42 28.91 14.74
CA ASN A 240 11.97 28.44 16.00
C ASN A 240 11.83 29.46 17.12
N LYS A 241 12.08 30.73 16.81
CA LYS A 241 12.01 31.80 17.82
C LYS A 241 10.62 32.29 18.17
N ILE A 242 9.76 32.49 17.16
CA ILE A 242 8.42 32.96 17.46
C ILE A 242 7.41 31.83 17.59
N VAL A 243 7.06 31.23 16.45
CA VAL A 243 6.09 30.16 16.40
C VAL A 243 6.27 28.97 17.37
N ARG A 244 7.40 28.29 17.28
CA ARG A 244 7.63 27.13 18.12
C ARG A 244 7.49 27.37 19.62
N ASN A 245 7.65 28.62 20.05
CA ASN A 245 7.54 28.95 21.47
C ASN A 245 6.14 29.36 21.89
N LYS A 246 5.12 28.98 21.15
CA LYS A 246 3.75 29.36 21.50
C LYS A 246 2.97 28.17 22.01
N VAL A 247 1.81 28.47 22.56
CA VAL A 247 0.86 27.47 23.03
C VAL A 247 -0.31 27.75 22.10
N VAL A 248 -0.77 26.72 21.39
CA VAL A 248 -1.86 26.87 20.43
C VAL A 248 -3.19 26.66 21.15
N VAL A 249 -3.76 27.75 21.66
CA VAL A 249 -5.00 27.69 22.43
C VAL A 249 -6.23 27.03 21.80
N ASN A 250 -6.28 26.95 20.47
CA ASN A 250 -7.42 26.31 19.81
C ASN A 250 -7.16 24.82 19.52
N PHE A 251 -6.12 24.28 20.14
CA PHE A 251 -5.73 22.88 19.98
C PHE A 251 -6.20 22.10 21.22
N ASP A 252 -7.30 21.39 21.06
CA ASP A 252 -7.90 20.59 22.14
C ASP A 252 -7.09 19.31 22.30
N TYR A 253 -6.10 19.35 23.18
CA TYR A 253 -5.22 18.20 23.38
C TYR A 253 -4.53 18.33 24.74
N PRO A 254 -4.17 17.19 25.37
CA PRO A 254 -3.51 17.21 26.67
C PRO A 254 -2.33 18.19 26.71
N ASN A 255 -1.62 18.30 25.59
CA ASN A 255 -0.49 19.21 25.50
C ASN A 255 -0.72 20.16 24.34
N GLN A 256 -0.79 21.46 24.65
CA GLN A 256 -1.03 22.45 23.63
C GLN A 256 0.22 23.08 23.08
N GLU A 257 1.38 22.56 23.48
CA GLU A 257 2.64 23.06 22.97
C GLU A 257 2.50 22.98 21.46
N TYR A 258 3.09 23.94 20.77
CA TYR A 258 3.03 23.95 19.32
C TYR A 258 3.59 22.67 18.72
N ASP A 259 4.67 22.17 19.30
CA ASP A 259 5.30 20.95 18.78
C ASP A 259 4.35 19.75 18.79
N TYR A 260 3.40 19.73 19.71
CA TYR A 260 2.47 18.61 19.77
C TYR A 260 1.38 18.90 18.74
N PHE A 261 1.14 20.17 18.50
CA PHE A 261 0.14 20.59 17.52
C PHE A 261 0.65 20.08 16.15
N HIS A 262 1.91 20.40 15.85
CA HIS A 262 2.55 19.98 14.59
C HIS A 262 2.57 18.45 14.50
N MSE A 263 2.86 17.80 15.61
CA MSE A 263 2.87 16.34 15.69
C MSE A 263 1.48 15.75 15.46
O MSE A 263 1.33 14.68 14.89
CB MSE A 263 3.36 15.87 17.06
CG MSE A 263 3.23 14.36 17.28
SE MSE A 263 3.56 13.76 19.10
CE MSE A 263 1.80 14.17 19.82
N TYR A 264 0.45 16.45 15.95
CA TYR A 264 -0.92 15.99 15.79
C TYR A 264 -1.26 15.83 14.31
N PHE A 265 -0.96 16.87 13.53
CA PHE A 265 -1.24 16.85 12.10
C PHE A 265 -0.40 15.88 11.30
N MSE A 266 0.68 15.37 11.89
CA MSE A 266 1.49 14.40 11.18
C MSE A 266 0.89 13.02 11.47
O MSE A 266 0.73 12.19 10.57
CB MSE A 266 2.95 14.43 11.66
CG MSE A 266 3.68 15.73 11.39
SE MSE A 266 5.59 15.55 11.74
CE MSE A 266 6.27 16.35 10.11
N LEU A 267 0.51 12.80 12.72
CA LEU A 267 -0.07 11.53 13.12
C LEU A 267 -1.48 11.28 12.63
N ARG A 268 -2.25 12.34 12.39
CA ARG A 268 -3.60 12.16 11.90
C ARG A 268 -3.59 11.48 10.53
N THR A 269 -2.44 11.51 9.86
CA THR A 269 -2.32 10.90 8.54
C THR A 269 -1.87 9.43 8.63
N VAL A 270 -1.39 9.02 9.79
CA VAL A 270 -0.92 7.65 9.94
C VAL A 270 -2.12 6.70 9.93
N TYR A 271 -1.88 5.47 9.47
CA TYR A 271 -2.93 4.44 9.39
C TYR A 271 -2.82 3.49 10.57
N CYS A 272 -3.96 2.90 10.94
CA CYS A 272 -4.05 1.96 12.07
C CYS A 272 -5.06 0.84 11.81
N ASN A 273 -4.78 -0.36 12.31
CA ASN A 273 -5.72 -1.47 12.16
C ASN A 273 -6.84 -1.26 13.16
N LYS A 274 -6.47 -0.74 14.34
CA LYS A 274 -7.44 -0.48 15.40
C LYS A 274 -8.32 0.70 14.98
N THR A 275 -9.61 0.57 15.24
CA THR A 275 -10.56 1.62 14.88
C THR A 275 -10.78 2.57 16.05
N PHE A 276 -10.92 3.86 15.72
CA PHE A 276 -11.14 4.89 16.73
C PHE A 276 -12.32 5.77 16.31
N PRO A 277 -13.09 6.26 17.28
CA PRO A 277 -14.24 7.12 16.99
C PRO A 277 -13.82 8.39 16.27
N THR A 278 -13.01 9.18 16.96
CA THR A 278 -12.50 10.44 16.45
C THR A 278 -11.04 10.31 16.08
N THR A 279 -10.54 11.30 15.37
CA THR A 279 -9.14 11.30 14.97
C THR A 279 -8.27 11.55 16.21
N LYS A 280 -8.80 12.35 17.12
CA LYS A 280 -8.08 12.68 18.36
C LYS A 280 -7.81 11.44 19.22
N ALA A 281 -8.63 10.40 19.05
CA ALA A 281 -8.45 9.16 19.82
C ALA A 281 -7.31 8.37 19.19
N LYS A 282 -7.22 8.41 17.86
CA LYS A 282 -6.17 7.72 17.13
C LYS A 282 -4.82 8.35 17.47
N VAL A 283 -4.75 9.67 17.41
CA VAL A 283 -3.52 10.40 17.70
C VAL A 283 -3.05 10.15 19.12
N LEU A 284 -3.97 10.20 20.08
CA LEU A 284 -3.64 9.93 21.48
C LEU A 284 -3.03 8.53 21.60
N PHE A 285 -3.60 7.59 20.85
CA PHE A 285 -3.11 6.21 20.84
C PHE A 285 -1.69 6.12 20.29
N LEU A 286 -1.48 6.70 19.11
CA LEU A 286 -0.17 6.66 18.48
C LEU A 286 0.89 7.37 19.32
N GLN A 287 0.60 8.56 19.82
CA GLN A 287 1.58 9.27 20.65
C GLN A 287 2.03 8.42 21.84
N GLN A 288 1.06 7.83 22.55
CA GLN A 288 1.34 6.99 23.71
C GLN A 288 2.20 5.78 23.30
N SER A 289 1.85 5.18 22.18
CA SER A 289 2.58 4.04 21.65
C SER A 289 4.00 4.50 21.37
N ILE A 290 4.12 5.63 20.71
CA ILE A 290 5.41 6.18 20.36
C ILE A 290 6.24 6.51 21.59
N PHE A 291 5.64 7.23 22.53
CA PHE A 291 6.39 7.58 23.74
C PHE A 291 6.75 6.33 24.57
N ARG A 292 5.79 5.41 24.71
CA ARG A 292 6.04 4.19 25.46
C ARG A 292 7.22 3.45 24.84
N PHE A 293 7.30 3.47 23.51
CA PHE A 293 8.38 2.82 22.79
C PHE A 293 9.71 3.55 22.93
N LEU A 294 9.70 4.86 22.71
CA LEU A 294 10.91 5.65 22.81
C LEU A 294 11.27 5.82 24.27
N ASN A 295 10.38 5.35 25.14
CA ASN A 295 10.56 5.45 26.58
C ASN A 295 10.51 6.91 27.01
N ILE A 296 9.66 7.69 26.35
CA ILE A 296 9.50 9.09 26.67
C ILE A 296 8.22 9.30 27.47
N PRO A 297 8.35 9.57 28.77
CA PRO A 297 7.18 9.77 29.62
C PRO A 297 6.20 10.80 29.06
N ASN B 2 20.14 -17.93 30.42
CA ASN B 2 19.81 -19.36 30.38
C ASN B 2 18.62 -19.59 29.47
N ILE B 3 17.47 -19.05 29.85
CA ILE B 3 16.25 -19.17 29.05
C ILE B 3 16.49 -19.03 27.53
N THR B 4 17.22 -18.01 27.11
CA THR B 4 17.48 -17.83 25.68
C THR B 4 18.18 -19.03 25.06
N LEU B 5 19.36 -19.36 25.59
CA LEU B 5 20.14 -20.49 25.09
C LEU B 5 19.39 -21.82 25.10
N LYS B 6 18.63 -22.08 26.15
CA LYS B 6 17.88 -23.32 26.24
C LYS B 6 16.85 -23.37 25.11
N ILE B 7 16.01 -22.34 25.03
CA ILE B 7 14.99 -22.23 24.00
C ILE B 7 15.57 -22.52 22.61
N ILE B 8 16.61 -21.77 22.26
CA ILE B 8 17.26 -21.93 20.98
C ILE B 8 17.90 -23.30 20.80
N GLU B 9 18.54 -23.79 21.85
CA GLU B 9 19.20 -25.09 21.79
C GLU B 9 18.19 -26.20 21.47
N THR B 10 17.01 -26.10 22.05
CA THR B 10 15.96 -27.08 21.83
C THR B 10 15.40 -27.04 20.41
N TYR B 11 15.16 -25.83 19.93
CA TYR B 11 14.60 -25.58 18.60
C TYR B 11 15.53 -26.08 17.51
N LEU B 12 16.81 -25.74 17.62
CA LEU B 12 17.82 -26.15 16.62
C LEU B 12 18.33 -27.58 16.80
N GLY B 13 18.05 -28.18 17.96
CA GLY B 13 18.51 -29.53 18.22
C GLY B 13 20.02 -29.62 18.34
N ARG B 14 20.65 -28.57 18.87
CA ARG B 14 22.10 -28.53 19.03
C ARG B 14 22.47 -27.23 19.71
N VAL B 15 23.69 -27.15 20.23
CA VAL B 15 24.14 -25.95 20.90
C VAL B 15 24.19 -24.81 19.89
N PRO B 16 23.43 -23.75 20.13
CA PRO B 16 23.42 -22.60 19.22
C PRO B 16 24.85 -22.17 18.98
N SER B 17 25.24 -21.99 17.72
CA SER B 17 26.60 -21.56 17.44
C SER B 17 26.71 -20.09 17.79
N VAL B 18 27.95 -19.61 17.93
CA VAL B 18 28.19 -18.21 18.28
C VAL B 18 27.26 -17.30 17.48
N ASN B 19 27.31 -17.44 16.16
CA ASN B 19 26.49 -16.63 15.24
C ASN B 19 24.98 -16.90 15.36
N GLU B 20 24.59 -18.19 15.37
CA GLU B 20 23.19 -18.57 15.48
C GLU B 20 22.52 -17.97 16.71
N TYR B 21 23.24 -17.92 17.82
CA TYR B 21 22.69 -17.39 19.05
C TYR B 21 22.59 -15.86 19.01
N HIS B 22 23.54 -15.22 18.32
CA HIS B 22 23.53 -13.76 18.22
C HIS B 22 22.34 -13.31 17.38
N MET B 23 22.00 -14.09 16.36
CA MET B 23 20.90 -13.77 15.47
C MET B 23 19.53 -14.14 16.04
N LEU B 24 19.37 -15.42 16.36
CA LEU B 24 18.11 -15.91 16.89
C LEU B 24 17.74 -15.38 18.26
N LYS B 25 18.74 -14.88 18.98
CA LYS B 25 18.53 -14.35 20.32
C LYS B 25 17.27 -13.50 20.41
N SER B 26 17.00 -12.69 19.39
CA SER B 26 15.84 -11.82 19.40
C SER B 26 14.53 -12.49 18.98
N GLN B 27 14.61 -13.77 18.61
CA GLN B 27 13.42 -14.50 18.20
C GLN B 27 12.89 -15.41 19.28
N ALA B 28 13.69 -15.60 20.33
CA ALA B 28 13.34 -16.46 21.46
C ALA B 28 11.86 -16.60 21.75
N ARG B 29 11.14 -15.49 21.77
CA ARG B 29 9.72 -15.51 22.06
C ARG B 29 8.94 -16.35 21.07
N ASN B 30 9.00 -15.96 19.80
CA ASN B 30 8.31 -16.70 18.75
C ASN B 30 8.76 -18.16 18.78
N ILE B 31 10.06 -18.38 18.89
CA ILE B 31 10.62 -19.73 18.93
C ILE B 31 9.97 -20.57 20.02
N GLN B 32 9.65 -19.93 21.14
CA GLN B 32 9.01 -20.63 22.24
C GLN B 32 7.63 -21.15 21.84
N LYS B 33 6.84 -20.26 21.25
CA LYS B 33 5.50 -20.60 20.81
C LYS B 33 5.58 -21.78 19.85
N ILE B 34 6.60 -21.78 19.00
CA ILE B 34 6.78 -22.85 18.03
C ILE B 34 7.06 -24.17 18.74
N THR B 35 7.97 -24.15 19.70
CA THR B 35 8.30 -25.37 20.42
C THR B 35 7.09 -25.91 21.16
N VAL B 36 6.48 -25.07 21.98
CA VAL B 36 5.32 -25.43 22.78
C VAL B 36 4.07 -25.83 21.98
N PHE B 37 3.95 -25.33 20.76
CA PHE B 37 2.78 -25.62 19.93
C PHE B 37 2.48 -27.13 19.89
N ASN B 38 1.21 -27.50 20.06
CA ASN B 38 0.79 -28.90 20.03
C ASN B 38 0.64 -29.40 18.59
N LYS B 39 1.66 -30.11 18.08
CA LYS B 39 1.60 -30.62 16.71
C LYS B 39 0.49 -31.66 16.54
N ASP B 40 0.31 -32.49 17.57
CA ASP B 40 -0.70 -33.53 17.50
C ASP B 40 -2.06 -32.94 17.17
N ILE B 41 -2.45 -31.87 17.87
CA ILE B 41 -3.73 -31.23 17.59
C ILE B 41 -3.72 -30.69 16.16
N PHE B 42 -2.61 -30.05 15.79
CA PHE B 42 -2.47 -29.48 14.47
C PHE B 42 -2.58 -30.51 13.37
N VAL B 43 -1.98 -31.67 13.59
CA VAL B 43 -2.03 -32.73 12.58
C VAL B 43 -3.46 -33.20 12.36
N SER B 44 -4.27 -33.16 13.41
CA SER B 44 -5.66 -33.57 13.29
C SER B 44 -6.45 -32.58 12.45
N LEU B 45 -6.37 -31.30 12.78
CA LEU B 45 -7.08 -30.26 12.03
C LEU B 45 -6.76 -30.35 10.55
N VAL B 46 -5.48 -30.59 10.25
CA VAL B 46 -5.05 -30.70 8.85
C VAL B 46 -5.77 -31.87 8.19
N LYS B 47 -5.89 -32.97 8.91
CA LYS B 47 -6.57 -34.15 8.40
C LYS B 47 -8.07 -33.89 8.26
N LYS B 48 -8.67 -33.24 9.24
CA LYS B 48 -10.09 -32.94 9.14
C LYS B 48 -10.33 -32.02 7.96
N ASN B 49 -9.44 -31.04 7.79
CA ASN B 49 -9.57 -30.09 6.69
C ASN B 49 -9.46 -30.85 5.37
N LYS B 50 -8.49 -31.77 5.31
CA LYS B 50 -8.26 -32.57 4.13
C LYS B 50 -9.46 -33.44 3.75
N LYS B 51 -10.00 -34.15 4.73
CA LYS B 51 -11.14 -35.04 4.50
C LYS B 51 -12.36 -34.25 4.04
N ARG B 52 -12.49 -33.01 4.51
CA ARG B 52 -13.65 -32.22 4.16
C ARG B 52 -13.58 -31.44 2.85
N PHE B 53 -12.39 -31.00 2.47
CA PHE B 53 -12.27 -30.23 1.24
C PHE B 53 -11.46 -30.87 0.12
N PHE B 54 -10.67 -31.89 0.47
CA PHE B 54 -9.87 -32.59 -0.53
C PHE B 54 -9.97 -34.09 -0.29
N SER B 55 -11.17 -34.55 0.04
CA SER B 55 -11.38 -35.96 0.30
C SER B 55 -10.79 -36.84 -0.80
N ASP B 56 -10.83 -36.33 -2.04
CA ASP B 56 -10.33 -37.06 -3.20
C ASP B 56 -8.82 -36.92 -3.44
N VAL B 57 -8.09 -36.34 -2.49
CA VAL B 57 -6.66 -36.15 -2.64
C VAL B 57 -5.89 -37.39 -2.23
N ASN B 58 -5.48 -38.08 -3.30
CA ASN B 58 -4.68 -39.32 -3.28
C ASN B 58 -3.63 -39.32 -2.14
N THR B 59 -4.05 -39.61 -0.91
CA THR B 59 -3.12 -39.61 0.26
C THR B 59 -3.70 -40.47 1.39
N SER B 60 -2.82 -40.85 2.32
CA SER B 60 -3.17 -41.68 3.46
C SER B 60 -2.37 -41.21 4.68
N ALA B 61 -3.08 -40.63 5.64
CA ALA B 61 -2.55 -40.08 6.92
C ALA B 61 -1.05 -40.03 7.22
N SER B 62 -0.41 -41.19 7.36
CA SER B 62 1.01 -41.25 7.68
C SER B 62 1.85 -40.25 6.90
N GLU B 63 1.57 -40.16 5.60
CA GLU B 63 2.29 -39.27 4.68
C GLU B 63 2.21 -37.84 5.21
N ILE B 64 0.98 -37.42 5.48
CA ILE B 64 0.69 -36.09 5.98
C ILE B 64 1.34 -35.78 7.33
N LYS B 65 1.22 -36.75 8.23
CA LYS B 65 1.77 -36.63 9.56
C LYS B 65 3.27 -36.38 9.46
N ASP B 66 3.94 -37.15 8.61
CA ASP B 66 5.37 -37.00 8.45
C ASP B 66 5.73 -35.61 7.91
N ARG B 67 5.09 -35.20 6.82
CA ARG B 67 5.34 -33.88 6.23
C ARG B 67 5.32 -32.78 7.28
N ILE B 68 4.25 -32.77 8.06
CA ILE B 68 4.08 -31.78 9.10
C ILE B 68 5.17 -31.84 10.16
N LEU B 69 5.34 -32.99 10.80
CA LEU B 69 6.37 -33.10 11.81
C LEU B 69 7.74 -32.81 11.20
N SER B 70 7.93 -33.33 10.00
CA SER B 70 9.18 -33.14 9.29
C SER B 70 9.50 -31.65 9.12
N TYR B 71 8.46 -30.84 8.91
CA TYR B 71 8.63 -29.40 8.72
C TYR B 71 8.90 -28.65 10.03
N PHE B 72 8.12 -28.95 11.07
CA PHE B 72 8.35 -28.27 12.33
C PHE B 72 9.67 -28.68 12.97
N SER B 73 10.48 -29.42 12.24
CA SER B 73 11.77 -29.88 12.73
C SER B 73 12.90 -29.58 11.73
N LYS B 74 12.57 -28.98 10.58
CA LYS B 74 13.65 -28.76 9.64
C LYS B 74 14.74 -27.77 10.09
N GLN B 75 14.41 -26.95 11.08
CA GLN B 75 15.39 -26.02 11.64
C GLN B 75 16.64 -26.84 11.98
N THR B 76 16.35 -28.01 12.52
CA THR B 76 17.33 -28.99 12.96
C THR B 76 18.41 -29.37 11.97
N GLN B 77 18.09 -29.29 10.68
CA GLN B 77 19.02 -29.65 9.62
C GLN B 77 19.28 -28.48 8.72
N THR B 78 19.13 -27.27 9.26
CA THR B 78 19.35 -26.07 8.48
C THR B 78 20.47 -25.31 9.17
N TYR B 79 21.47 -24.92 8.41
CA TYR B 79 22.58 -24.18 9.00
C TYR B 79 22.74 -22.79 8.41
N ASN B 80 21.99 -22.51 7.36
CA ASN B 80 22.02 -21.19 6.72
C ASN B 80 21.10 -20.32 7.56
N ILE B 81 21.64 -19.23 8.09
CA ILE B 81 20.86 -18.35 8.95
C ILE B 81 19.63 -17.72 8.30
N GLY B 82 19.74 -17.39 7.01
CA GLY B 82 18.60 -16.81 6.32
C GLY B 82 17.48 -17.82 6.15
N LYS B 83 17.84 -19.07 5.96
CA LYS B 83 16.83 -20.12 5.80
C LYS B 83 16.13 -20.29 7.14
N LEU B 84 16.93 -20.21 8.20
CA LEU B 84 16.41 -20.33 9.55
C LEU B 84 15.34 -19.28 9.86
N PHE B 85 15.61 -18.02 9.52
CA PHE B 85 14.63 -16.98 9.77
C PHE B 85 13.32 -17.24 9.04
N THR B 86 13.42 -17.82 7.85
CA THR B 86 12.25 -18.12 7.02
C THR B 86 11.38 -19.18 7.68
N ILE B 87 12.03 -20.26 8.09
CA ILE B 87 11.35 -21.37 8.74
C ILE B 87 10.65 -20.88 10.00
N ILE B 88 11.32 -20.06 10.79
CA ILE B 88 10.71 -19.56 12.02
C ILE B 88 9.61 -18.56 11.73
N GLU B 89 9.70 -17.86 10.61
CA GLU B 89 8.65 -16.89 10.27
C GLU B 89 7.40 -17.65 9.85
N LEU B 90 7.57 -18.64 8.98
CA LEU B 90 6.45 -19.41 8.47
C LEU B 90 5.88 -20.38 9.50
N GLN B 91 6.72 -20.89 10.39
CA GLN B 91 6.23 -21.78 11.44
C GLN B 91 5.34 -20.93 12.33
N SER B 92 5.80 -19.70 12.59
CA SER B 92 5.06 -18.75 13.43
C SER B 92 3.69 -18.42 12.86
N VAL B 93 3.60 -18.26 11.54
CA VAL B 93 2.29 -17.97 10.98
C VAL B 93 1.37 -19.16 11.22
N LEU B 94 1.93 -20.37 11.19
CA LEU B 94 1.11 -21.55 11.40
C LEU B 94 0.74 -21.68 12.88
N VAL B 95 1.74 -21.53 13.75
CA VAL B 95 1.52 -21.65 15.18
C VAL B 95 0.56 -20.59 15.72
N THR B 96 0.60 -19.40 15.14
CA THR B 96 -0.26 -18.31 15.60
C THR B 96 -1.60 -18.06 14.88
N THR B 97 -1.75 -18.53 13.64
CA THR B 97 -3.00 -18.25 12.92
C THR B 97 -3.84 -19.39 12.37
N TYR B 98 -3.20 -20.43 11.83
CA TYR B 98 -3.94 -21.53 11.23
C TYR B 98 -5.28 -21.89 11.89
N THR B 99 -5.23 -22.30 13.15
CA THR B 99 -6.45 -22.68 13.87
C THR B 99 -7.59 -21.69 13.67
N ASP B 100 -7.31 -20.41 13.90
CA ASP B 100 -8.33 -19.38 13.74
C ASP B 100 -8.80 -19.17 12.31
N ILE B 101 -7.93 -19.40 11.33
CA ILE B 101 -8.31 -19.18 9.94
C ILE B 101 -8.87 -20.39 9.22
N LEU B 102 -8.17 -21.51 9.26
CA LEU B 102 -8.66 -22.70 8.59
C LEU B 102 -9.15 -23.74 9.59
N GLY B 103 -8.65 -23.67 10.82
CA GLY B 103 -9.09 -24.61 11.83
C GLY B 103 -10.59 -24.47 12.04
N VAL B 104 -11.02 -23.26 12.35
CA VAL B 104 -12.43 -22.96 12.58
C VAL B 104 -13.32 -23.69 11.58
N LEU B 105 -12.82 -23.86 10.36
CA LEU B 105 -13.57 -24.54 9.32
C LEU B 105 -13.91 -25.99 9.67
N THR B 106 -13.75 -26.34 10.95
CA THR B 106 -14.06 -27.68 11.40
C THR B 106 -15.58 -27.84 11.44
N ILE B 107 -16.25 -27.34 12.47
CA ILE B 107 -17.71 -27.45 12.47
C ILE B 107 -18.34 -26.27 11.76
N LYS B 108 -18.68 -26.46 10.49
CA LYS B 108 -19.30 -25.43 9.68
C LYS B 108 -20.54 -24.88 10.39
N ALA B 109 -20.61 -23.57 10.55
CA ALA B 109 -21.75 -22.98 11.24
C ALA B 109 -22.65 -22.07 10.37
N PRO B 110 -22.35 -20.76 10.28
CA PRO B 110 -23.24 -19.93 9.44
C PRO B 110 -23.49 -20.50 8.05
N THR B 122 -32.16 -11.11 -15.56
CA THR B 122 -33.43 -11.66 -16.04
C THR B 122 -33.73 -11.14 -17.44
N SER B 123 -35.00 -10.82 -17.67
CA SER B 123 -35.49 -10.30 -18.96
C SER B 123 -34.63 -9.22 -19.61
N MET B 124 -33.79 -8.53 -18.84
CA MET B 124 -32.96 -7.48 -19.42
C MET B 124 -31.70 -8.01 -20.08
N GLU B 125 -31.71 -9.31 -20.37
CA GLU B 125 -30.60 -9.93 -21.06
C GLU B 125 -30.62 -9.20 -22.41
N GLU B 126 -31.81 -8.74 -22.78
CA GLU B 126 -32.02 -7.99 -24.00
C GLU B 126 -31.15 -6.74 -23.94
N LEU B 127 -31.55 -5.81 -23.06
CA LEU B 127 -30.85 -4.54 -22.90
C LEU B 127 -29.34 -4.70 -22.71
N ALA B 128 -28.93 -5.78 -22.04
CA ALA B 128 -27.51 -6.02 -21.82
C ALA B 128 -26.85 -6.25 -23.17
N ARG B 129 -27.45 -7.15 -23.95
CA ARG B 129 -26.97 -7.51 -25.29
C ARG B 129 -26.75 -6.28 -26.15
N ASP B 130 -27.69 -5.33 -26.05
CA ASP B 130 -27.61 -4.10 -26.82
C ASP B 130 -26.37 -3.31 -26.44
N MET B 131 -26.26 -2.95 -25.17
CA MET B 131 -25.12 -2.20 -24.67
C MET B 131 -23.79 -2.88 -24.96
N LEU B 132 -23.75 -4.20 -24.85
CA LEU B 132 -22.53 -4.95 -25.10
C LEU B 132 -22.11 -4.88 -26.57
N ASN B 133 -23.03 -5.19 -27.47
CA ASN B 133 -22.71 -5.15 -28.89
C ASN B 133 -22.18 -3.79 -29.32
N SER B 134 -22.83 -2.73 -28.88
CA SER B 134 -22.37 -1.38 -29.23
C SER B 134 -20.96 -1.15 -28.73
N MET B 135 -20.57 -1.86 -27.66
CA MET B 135 -19.24 -1.72 -27.09
C MET B 135 -18.21 -2.61 -27.76
N ASN B 136 -18.64 -3.76 -28.27
CA ASN B 136 -17.73 -4.69 -28.95
C ASN B 136 -17.40 -4.01 -30.26
N VAL B 137 -16.78 -2.84 -30.11
CA VAL B 137 -16.42 -1.95 -31.21
C VAL B 137 -15.01 -2.13 -31.77
N ALA B 138 -14.35 -3.23 -31.48
CA ALA B 138 -13.00 -3.27 -32.01
C ALA B 138 -12.31 -4.59 -32.34
N VAL B 139 -11.27 -4.38 -33.14
CA VAL B 139 -10.35 -5.36 -33.69
C VAL B 139 -9.76 -6.37 -32.71
N ILE B 140 -10.09 -7.63 -32.94
CA ILE B 140 -9.63 -8.75 -32.13
C ILE B 140 -8.13 -8.93 -32.27
N VAL B 151 -4.99 -22.61 -13.18
CA VAL B 151 -5.52 -23.74 -13.95
C VAL B 151 -5.17 -25.07 -13.28
N SER B 152 -5.24 -25.12 -11.95
CA SER B 152 -4.95 -26.34 -11.21
C SER B 152 -6.18 -27.21 -10.98
N SER B 153 -5.93 -28.50 -10.77
CA SER B 153 -7.00 -29.45 -10.51
C SER B 153 -7.50 -29.22 -9.09
N LEU B 154 -6.71 -28.49 -8.31
CA LEU B 154 -7.04 -28.21 -6.92
C LEU B 154 -8.05 -27.08 -6.73
N VAL B 155 -8.47 -26.48 -7.83
CA VAL B 155 -9.41 -25.36 -7.76
C VAL B 155 -10.82 -25.70 -7.29
N LYS B 156 -11.37 -26.86 -7.65
CA LYS B 156 -12.70 -27.22 -7.16
C LYS B 156 -12.63 -27.23 -5.65
N ASN B 157 -11.65 -27.97 -5.14
CA ASN B 157 -11.42 -28.11 -3.73
C ASN B 157 -11.27 -26.76 -3.03
N VAL B 158 -10.40 -25.91 -3.56
CA VAL B 158 -10.19 -24.60 -2.95
C VAL B 158 -11.45 -23.74 -2.99
N ASN B 159 -12.26 -23.88 -4.03
CA ASN B 159 -13.48 -23.08 -4.10
C ASN B 159 -14.54 -23.53 -3.11
N LYS B 160 -14.68 -24.84 -2.94
CA LYS B 160 -15.65 -25.38 -2.00
C LYS B 160 -15.25 -24.88 -0.59
N LEU B 161 -13.95 -24.81 -0.35
CA LEU B 161 -13.40 -24.36 0.94
C LEU B 161 -13.71 -22.88 1.14
N MET B 162 -13.51 -22.09 0.10
CA MET B 162 -13.78 -20.66 0.15
C MET B 162 -15.25 -20.41 0.38
N GLU B 163 -16.10 -21.32 -0.09
CA GLU B 163 -17.54 -21.18 0.11
C GLU B 163 -17.84 -21.15 1.62
N GLU B 164 -17.22 -22.06 2.35
CA GLU B 164 -17.41 -22.12 3.81
C GLU B 164 -16.67 -20.98 4.50
N TYR B 165 -15.48 -20.68 3.97
CA TYR B 165 -14.61 -19.63 4.50
C TYR B 165 -15.28 -18.26 4.54
N LEU B 166 -16.02 -17.93 3.48
CA LEU B 166 -16.70 -16.65 3.39
C LEU B 166 -17.83 -16.48 4.41
N ARG B 167 -18.43 -17.59 4.83
CA ARG B 167 -19.51 -17.50 5.81
C ARG B 167 -18.94 -17.42 7.24
N ARG B 168 -17.75 -17.97 7.43
CA ARG B 168 -17.10 -17.98 8.73
C ARG B 168 -16.22 -16.76 8.96
N HIS B 169 -15.98 -15.96 7.93
CA HIS B 169 -15.12 -14.79 8.07
C HIS B 169 -15.69 -13.53 7.46
N ASN B 170 -16.98 -13.27 7.72
CA ASN B 170 -17.68 -12.10 7.18
C ASN B 170 -16.92 -10.80 7.34
N LYS B 171 -16.22 -10.66 8.46
CA LYS B 171 -15.50 -9.44 8.76
C LYS B 171 -14.13 -9.25 8.13
N SER B 172 -13.42 -10.35 7.83
CA SER B 172 -12.08 -10.21 7.26
C SER B 172 -11.99 -10.55 5.78
N CYS B 173 -12.98 -11.28 5.30
CA CYS B 173 -13.00 -11.70 3.92
C CYS B 173 -14.36 -11.32 3.39
N ILE B 174 -14.41 -10.97 2.11
CA ILE B 174 -15.63 -10.57 1.45
C ILE B 174 -15.42 -10.83 -0.03
N CYS B 175 -16.46 -11.31 -0.69
CA CYS B 175 -16.39 -11.67 -2.11
C CYS B 175 -16.89 -10.66 -3.15
N TYR B 176 -16.34 -10.77 -4.36
CA TYR B 176 -16.73 -9.92 -5.48
C TYR B 176 -16.55 -10.71 -6.78
N GLY B 177 -17.15 -10.23 -7.86
CA GLY B 177 -17.02 -10.92 -9.14
C GLY B 177 -18.09 -11.97 -9.43
N SER B 178 -17.76 -12.91 -10.33
CA SER B 178 -18.71 -13.96 -10.71
C SER B 178 -19.48 -14.64 -9.59
N TYR B 179 -18.75 -15.32 -8.71
CA TYR B 179 -19.37 -16.03 -7.61
C TYR B 179 -20.38 -15.16 -6.89
N SER B 180 -19.98 -13.93 -6.58
CA SER B 180 -20.87 -13.02 -5.87
C SER B 180 -22.19 -12.84 -6.62
N LEU B 181 -22.11 -12.60 -7.92
CA LEU B 181 -23.32 -12.42 -8.73
C LEU B 181 -24.04 -13.74 -8.89
N TYR B 182 -23.29 -14.82 -8.77
CA TYR B 182 -23.86 -16.16 -8.89
C TYR B 182 -24.78 -16.43 -7.69
N LEU B 183 -24.48 -15.80 -6.56
CA LEU B 183 -25.30 -16.00 -5.38
C LEU B 183 -26.58 -15.21 -5.52
N ILE B 184 -26.61 -14.31 -6.50
CA ILE B 184 -27.81 -13.50 -6.73
C ILE B 184 -28.62 -14.09 -7.88
N ASN B 185 -27.94 -14.78 -8.79
CA ASN B 185 -28.59 -15.42 -9.93
C ASN B 185 -27.78 -16.63 -10.36
N PRO B 186 -28.23 -17.83 -9.97
CA PRO B 186 -27.60 -19.13 -10.26
C PRO B 186 -27.22 -19.40 -11.71
N ASN B 187 -27.83 -18.69 -12.66
CA ASN B 187 -27.51 -18.93 -14.05
C ASN B 187 -26.22 -18.21 -14.44
N ILE B 188 -25.25 -18.23 -13.53
CA ILE B 188 -23.96 -17.61 -13.75
C ILE B 188 -22.88 -18.63 -13.48
N ARG B 189 -22.08 -18.95 -14.50
CA ARG B 189 -20.99 -19.90 -14.33
C ARG B 189 -19.92 -19.21 -13.46
N TYR B 190 -18.91 -19.96 -13.03
CA TYR B 190 -17.85 -19.38 -12.22
C TYR B 190 -16.76 -20.37 -11.85
N GLY B 191 -15.52 -19.89 -11.85
CA GLY B 191 -14.38 -20.71 -11.50
C GLY B 191 -13.64 -20.07 -10.34
N ASP B 192 -12.96 -18.96 -10.60
CA ASP B 192 -12.23 -18.26 -9.55
C ASP B 192 -13.20 -17.51 -8.66
N ILE B 193 -13.11 -17.76 -7.36
CA ILE B 193 -13.94 -17.06 -6.39
C ILE B 193 -13.02 -15.92 -5.97
N ASP B 194 -13.45 -14.68 -6.25
CA ASP B 194 -12.63 -13.52 -5.96
C ASP B 194 -12.94 -12.85 -4.63
N ILE B 195 -11.86 -12.51 -3.91
CA ILE B 195 -11.97 -11.93 -2.59
C ILE B 195 -11.01 -10.77 -2.26
N LEU B 196 -11.40 -9.99 -1.25
CA LEU B 196 -10.60 -8.88 -0.73
C LEU B 196 -10.48 -9.25 0.74
N GLN B 197 -9.29 -9.11 1.32
CA GLN B 197 -9.11 -9.44 2.73
C GLN B 197 -8.23 -8.45 3.48
N THR B 198 -8.30 -8.55 4.80
CA THR B 198 -7.52 -7.71 5.69
C THR B 198 -6.29 -8.48 6.14
N ASN B 199 -6.22 -9.75 5.77
CA ASN B 199 -5.11 -10.61 6.17
C ASN B 199 -4.72 -11.59 5.07
N SER B 200 -4.55 -11.08 3.85
CA SER B 200 -4.18 -11.92 2.71
C SER B 200 -2.92 -12.74 2.90
N ARG B 201 -1.81 -12.10 3.27
CA ARG B 201 -0.55 -12.80 3.45
C ARG B 201 -0.75 -14.05 4.32
N THR B 202 -1.40 -13.89 5.47
CA THR B 202 -1.63 -14.99 6.39
C THR B 202 -2.53 -16.10 5.86
N PHE B 203 -3.73 -15.75 5.45
CA PHE B 203 -4.64 -16.74 4.91
C PHE B 203 -3.94 -17.63 3.87
N LEU B 204 -3.35 -16.99 2.86
CA LEU B 204 -2.67 -17.70 1.78
C LEU B 204 -1.49 -18.57 2.20
N ILE B 205 -0.74 -18.11 3.20
CA ILE B 205 0.39 -18.89 3.70
C ILE B 205 -0.19 -20.12 4.39
N ASP B 206 -1.26 -19.92 5.15
CA ASP B 206 -1.88 -21.04 5.81
C ASP B 206 -2.40 -21.98 4.74
N LEU B 207 -3.07 -21.42 3.74
CA LEU B 207 -3.61 -22.27 2.68
C LEU B 207 -2.48 -22.97 1.94
N ALA B 208 -1.43 -22.22 1.62
CA ALA B 208 -0.31 -22.81 0.91
C ALA B 208 0.19 -24.03 1.68
N PHE B 209 0.35 -23.87 3.00
CA PHE B 209 0.85 -24.95 3.83
C PHE B 209 -0.10 -26.13 3.84
N LEU B 210 -1.38 -25.87 4.12
CA LEU B 210 -2.41 -26.93 4.12
C LEU B 210 -2.31 -27.78 2.85
N ILE B 211 -2.27 -27.11 1.70
CA ILE B 211 -2.17 -27.83 0.43
C ILE B 211 -0.85 -28.59 0.40
N LYS B 212 0.24 -27.90 0.67
CA LYS B 212 1.56 -28.55 0.66
C LYS B 212 1.56 -29.80 1.51
N PHE B 213 0.91 -29.75 2.66
CA PHE B 213 0.88 -30.90 3.55
C PHE B 213 -0.01 -32.04 3.03
N ILE B 214 -1.09 -31.67 2.34
CA ILE B 214 -1.98 -32.69 1.81
C ILE B 214 -1.42 -33.25 0.50
N THR B 215 -0.91 -32.36 -0.35
CA THR B 215 -0.33 -32.76 -1.63
C THR B 215 1.18 -32.68 -1.54
N GLY B 216 1.75 -33.59 -0.78
CA GLY B 216 3.18 -33.65 -0.56
C GLY B 216 4.15 -32.80 -1.36
N ASN B 217 3.78 -32.45 -2.59
CA ASN B 217 4.66 -31.66 -3.42
C ASN B 217 4.33 -30.17 -3.54
N ASN B 218 5.35 -29.39 -3.19
CA ASN B 218 5.43 -27.93 -3.17
C ASN B 218 4.41 -27.03 -3.90
N ILE B 219 4.23 -25.83 -3.31
CA ILE B 219 3.34 -24.79 -3.83
C ILE B 219 4.14 -23.49 -3.66
N ILE B 220 3.94 -22.53 -4.55
CA ILE B 220 4.70 -21.28 -4.45
C ILE B 220 3.81 -20.05 -4.50
N LEU B 221 3.88 -19.17 -3.50
CA LEU B 221 3.07 -17.95 -3.63
C LEU B 221 3.98 -16.79 -4.03
N SER B 222 3.43 -15.90 -4.85
CA SER B 222 4.21 -14.76 -5.33
C SER B 222 3.39 -13.48 -5.30
N LYS B 223 4.12 -12.38 -5.24
CA LYS B 223 3.52 -11.06 -5.19
C LYS B 223 3.78 -10.40 -6.53
N ILE B 224 2.71 -9.91 -7.13
CA ILE B 224 2.82 -9.26 -8.42
C ILE B 224 2.91 -7.75 -8.31
N PRO B 225 4.00 -7.16 -8.83
CA PRO B 225 4.13 -5.70 -8.75
C PRO B 225 3.07 -5.18 -9.74
N TYR B 226 3.00 -3.90 -9.98
CA TYR B 226 1.97 -3.34 -10.88
C TYR B 226 0.53 -3.74 -10.49
N LEU B 227 0.39 -4.37 -9.34
CA LEU B 227 -0.92 -4.75 -8.82
C LEU B 227 -0.85 -4.28 -7.37
N ARG B 228 -1.93 -3.77 -6.81
CA ARG B 228 -1.90 -3.26 -5.44
C ARG B 228 -2.26 -4.27 -4.35
N ASN B 229 -1.27 -4.61 -3.53
CA ASN B 229 -1.43 -5.56 -2.41
C ASN B 229 -2.00 -6.91 -2.86
N TYR B 230 -1.52 -7.41 -3.99
CA TYR B 230 -1.98 -8.66 -4.58
C TYR B 230 -1.03 -9.83 -4.30
N MET B 231 -1.60 -11.03 -4.21
CA MET B 231 -0.83 -12.25 -3.97
C MET B 231 -1.55 -13.48 -4.48
N VAL B 232 -0.78 -14.41 -5.05
CA VAL B 232 -1.27 -15.65 -5.62
C VAL B 232 -0.51 -16.89 -5.17
N ILE B 233 -1.24 -18.00 -5.09
CA ILE B 233 -0.66 -19.28 -4.73
C ILE B 233 -0.73 -20.10 -6.01
N LYS B 234 0.41 -20.62 -6.44
CA LYS B 234 0.49 -21.45 -7.62
C LYS B 234 1.08 -22.80 -7.23
N ASP B 235 0.79 -23.81 -8.02
CA ASP B 235 1.31 -25.14 -7.75
C ASP B 235 2.73 -25.25 -8.27
N GLU B 236 3.25 -26.48 -8.27
CA GLU B 236 4.60 -26.80 -8.72
C GLU B 236 4.86 -26.42 -10.18
N ASN B 237 3.83 -26.47 -11.00
CA ASN B 237 3.97 -26.18 -12.42
C ASN B 237 3.48 -24.80 -12.90
N ASP B 238 3.35 -23.84 -12.00
CA ASP B 238 2.90 -22.50 -12.38
C ASP B 238 1.39 -22.42 -12.61
N ASN B 239 0.65 -23.43 -12.17
CA ASN B 239 -0.80 -23.44 -12.33
C ASN B 239 -1.48 -22.64 -11.22
N HIS B 240 -2.03 -21.47 -11.59
CA HIS B 240 -2.73 -20.61 -10.66
C HIS B 240 -3.75 -21.40 -9.83
N ILE B 241 -3.73 -21.20 -8.51
CA ILE B 241 -4.66 -21.90 -7.64
C ILE B 241 -5.72 -20.95 -7.10
N ILE B 242 -5.29 -19.81 -6.56
CA ILE B 242 -6.21 -18.82 -6.04
C ILE B 242 -5.53 -17.47 -5.76
N ASP B 243 -6.21 -16.38 -6.13
CA ASP B 243 -5.72 -15.02 -5.96
C ASP B 243 -6.34 -14.31 -4.76
N SER B 244 -5.76 -13.18 -4.37
CA SER B 244 -6.31 -12.40 -3.26
C SER B 244 -5.69 -11.02 -3.13
N PHE B 245 -6.49 -10.06 -2.68
CA PHE B 245 -6.04 -8.69 -2.48
C PHE B 245 -6.11 -8.29 -1.03
N ASN B 246 -5.00 -7.81 -0.47
CA ASN B 246 -5.03 -7.38 0.90
C ASN B 246 -5.54 -5.94 0.96
N ILE B 247 -6.37 -5.68 1.95
CA ILE B 247 -6.97 -4.36 2.12
C ILE B 247 -7.02 -4.02 3.62
N ARG B 248 -6.77 -2.77 3.98
CA ARG B 248 -6.81 -2.40 5.40
C ARG B 248 -8.23 -2.16 5.91
N GLN B 249 -8.43 -2.40 7.21
CA GLN B 249 -9.73 -2.25 7.83
C GLN B 249 -10.45 -0.97 7.39
N ASP B 250 -9.71 0.13 7.32
CA ASP B 250 -10.27 1.43 6.91
C ASP B 250 -11.08 1.25 5.62
N THR B 251 -10.43 0.62 4.64
CA THR B 251 -11.04 0.40 3.33
C THR B 251 -12.20 -0.59 3.41
N MET B 252 -11.94 -1.75 4.02
CA MET B 252 -12.94 -2.79 4.21
C MET B 252 -14.24 -2.19 4.74
N ASN B 253 -14.12 -1.27 5.69
CA ASN B 253 -15.28 -0.63 6.29
C ASN B 253 -16.10 0.21 5.31
N VAL B 254 -15.44 1.05 4.52
CA VAL B 254 -16.17 1.90 3.56
C VAL B 254 -16.51 1.23 2.22
N VAL B 255 -16.06 0.01 2.01
CA VAL B 255 -16.38 -0.67 0.74
C VAL B 255 -17.86 -1.05 0.71
N PRO B 256 -18.60 -0.53 -0.29
CA PRO B 256 -20.02 -0.85 -0.41
C PRO B 256 -20.30 -2.36 -0.46
N LYS B 257 -20.86 -2.91 0.63
CA LYS B 257 -21.18 -4.32 0.65
C LYS B 257 -22.65 -4.65 0.87
N ILE B 258 -22.95 -5.93 0.75
CA ILE B 258 -24.29 -6.45 0.93
C ILE B 258 -24.23 -7.82 1.59
N PHE B 259 -25.21 -8.14 2.42
CA PHE B 259 -25.23 -9.42 3.08
C PHE B 259 -26.11 -10.37 2.30
N ILE B 260 -25.53 -11.51 1.89
CA ILE B 260 -26.23 -12.55 1.13
C ILE B 260 -25.67 -13.88 1.60
N ASP B 261 -26.54 -14.83 1.90
CA ASP B 261 -26.12 -16.15 2.34
C ASP B 261 -24.99 -16.18 3.36
N ASN B 262 -25.11 -15.37 4.41
CA ASN B 262 -24.09 -15.33 5.47
C ASN B 262 -22.72 -14.96 4.94
N ILE B 263 -22.71 -14.11 3.92
CA ILE B 263 -21.47 -13.69 3.31
C ILE B 263 -21.56 -12.22 2.95
N TYR B 264 -20.42 -11.57 2.82
CA TYR B 264 -20.47 -10.19 2.40
C TYR B 264 -20.04 -10.17 0.95
N ILE B 265 -20.80 -9.44 0.16
CA ILE B 265 -20.58 -9.32 -1.25
C ILE B 265 -20.41 -7.83 -1.52
N VAL B 266 -19.46 -7.49 -2.37
CA VAL B 266 -19.27 -6.10 -2.73
C VAL B 266 -20.59 -5.75 -3.41
N ASP B 267 -21.22 -4.65 -3.01
CA ASP B 267 -22.49 -4.24 -3.61
C ASP B 267 -22.45 -4.38 -5.12
N PRO B 268 -23.42 -5.09 -5.71
CA PRO B 268 -23.45 -5.25 -7.17
C PRO B 268 -23.37 -3.89 -7.86
N THR B 269 -24.02 -2.90 -7.25
CA THR B 269 -24.00 -1.55 -7.79
C THR B 269 -22.58 -1.07 -8.02
N PHE B 270 -21.73 -1.28 -7.01
CA PHE B 270 -20.34 -0.85 -7.08
C PHE B 270 -19.59 -1.70 -8.10
N GLN B 271 -19.91 -2.98 -8.16
CA GLN B 271 -19.24 -3.85 -9.13
C GLN B 271 -19.61 -3.43 -10.54
N LEU B 272 -20.82 -2.92 -10.69
CA LEU B 272 -21.30 -2.48 -12.00
C LEU B 272 -20.41 -1.35 -12.46
N LEU B 273 -20.16 -0.41 -11.56
CA LEU B 273 -19.31 0.71 -11.88
C LEU B 273 -17.92 0.24 -12.29
N ASN B 274 -17.36 -0.75 -11.60
CA ASN B 274 -16.03 -1.23 -11.96
C ASN B 274 -16.01 -1.78 -13.36
N MET B 275 -17.07 -2.49 -13.74
CA MET B 275 -17.17 -3.08 -15.07
C MET B 275 -17.11 -1.99 -16.15
N ILE B 276 -17.85 -0.92 -15.93
CA ILE B 276 -17.90 0.20 -16.86
C ILE B 276 -16.45 0.72 -17.01
N LYS B 277 -15.78 0.89 -15.89
CA LYS B 277 -14.43 1.39 -15.89
C LYS B 277 -13.52 0.46 -16.68
N MET B 278 -13.69 -0.84 -16.50
CA MET B 278 -12.84 -1.81 -17.17
C MET B 278 -12.97 -1.89 -18.69
N PHE B 279 -14.16 -1.64 -19.21
CA PHE B 279 -14.36 -1.69 -20.66
C PHE B 279 -13.46 -0.67 -21.36
N SER B 280 -12.90 0.26 -20.59
CA SER B 280 -12.03 1.26 -21.18
C SER B 280 -10.68 0.61 -21.47
N GLN B 281 -10.41 -0.50 -20.82
CA GLN B 281 -9.14 -1.20 -21.03
C GLN B 281 -9.22 -1.99 -22.33
N ILE B 282 -8.27 -1.74 -23.22
CA ILE B 282 -8.23 -2.40 -24.51
C ILE B 282 -8.36 -3.91 -24.37
N ASP B 283 -7.61 -4.49 -23.44
CA ASP B 283 -7.65 -5.92 -23.22
C ASP B 283 -9.05 -6.45 -22.94
N ARG B 284 -9.87 -5.62 -22.30
CA ARG B 284 -11.23 -6.01 -21.98
C ARG B 284 -12.07 -6.13 -23.23
N LEU B 285 -12.06 -5.07 -24.03
CA LEU B 285 -12.83 -5.05 -25.26
C LEU B 285 -12.37 -6.19 -26.15
N GLU B 286 -11.07 -6.44 -26.16
CA GLU B 286 -10.52 -7.53 -26.97
C GLU B 286 -11.11 -8.85 -26.50
N ASP B 287 -11.11 -9.09 -25.20
CA ASP B 287 -11.67 -10.32 -24.65
C ASP B 287 -13.16 -10.38 -24.98
N LEU B 288 -13.76 -9.21 -25.12
CA LEU B 288 -15.19 -9.11 -25.41
C LEU B 288 -15.52 -9.65 -26.79
N SER B 289 -14.75 -9.20 -27.78
CA SER B 289 -14.97 -9.63 -29.15
C SER B 289 -14.73 -11.12 -29.29
N LYS B 290 -13.99 -11.69 -28.35
CA LYS B 290 -13.71 -13.11 -28.37
C LYS B 290 -15.03 -13.84 -28.16
N ASP B 291 -15.78 -13.44 -27.15
CA ASP B 291 -17.08 -14.04 -26.85
C ASP B 291 -17.94 -13.03 -26.11
N PRO B 292 -18.75 -12.25 -26.84
CA PRO B 292 -19.64 -11.24 -26.27
C PRO B 292 -20.55 -11.75 -25.18
N GLU B 293 -21.24 -12.86 -25.45
CA GLU B 293 -22.18 -13.45 -24.50
C GLU B 293 -21.68 -13.63 -23.06
N LYS B 294 -20.35 -13.65 -22.87
CA LYS B 294 -19.79 -13.81 -21.53
C LYS B 294 -20.34 -12.78 -20.57
N PHE B 295 -20.09 -11.53 -20.88
CA PHE B 295 -20.52 -10.43 -20.06
C PHE B 295 -22.03 -10.24 -19.98
N ASN B 296 -22.76 -10.73 -20.97
CA ASN B 296 -24.21 -10.58 -20.96
C ASN B 296 -24.83 -10.98 -19.61
N ALA B 297 -24.71 -12.26 -19.27
CA ALA B 297 -25.26 -12.78 -18.03
C ALA B 297 -24.87 -11.94 -16.81
N ARG B 298 -23.59 -11.61 -16.68
CA ARG B 298 -23.15 -10.81 -15.55
C ARG B 298 -23.78 -9.41 -15.61
N MET B 299 -23.59 -8.74 -16.74
CA MET B 299 -24.14 -7.43 -16.96
C MET B 299 -25.64 -7.46 -16.66
N ALA B 300 -26.35 -8.37 -17.31
CA ALA B 300 -27.79 -8.48 -17.11
C ALA B 300 -28.17 -8.53 -15.63
N THR B 301 -27.51 -9.40 -14.87
CA THR B 301 -27.81 -9.52 -13.45
C THR B 301 -27.63 -8.20 -12.70
N MET B 302 -26.48 -7.55 -12.90
CA MET B 302 -26.18 -6.29 -12.23
C MET B 302 -27.13 -5.16 -12.62
N LEU B 303 -27.60 -5.16 -13.86
CA LEU B 303 -28.53 -4.13 -14.29
C LEU B 303 -29.88 -4.32 -13.59
N GLU B 304 -30.32 -5.57 -13.47
CA GLU B 304 -31.56 -5.88 -12.80
C GLU B 304 -31.50 -5.40 -11.35
N TYR B 305 -30.41 -5.77 -10.66
CA TYR B 305 -30.24 -5.38 -9.26
C TYR B 305 -30.43 -3.88 -9.06
N VAL B 306 -29.80 -3.10 -9.94
CA VAL B 306 -29.89 -1.64 -9.86
C VAL B 306 -31.29 -1.13 -10.18
N ARG B 307 -31.94 -1.75 -11.16
CA ARG B 307 -33.29 -1.39 -11.59
C ARG B 307 -34.26 -1.60 -10.43
N TYR B 308 -34.20 -2.78 -9.83
CA TYR B 308 -35.06 -3.18 -8.71
C TYR B 308 -34.75 -2.50 -7.37
N THR B 309 -33.45 -2.44 -7.04
CA THR B 309 -32.99 -1.88 -5.78
C THR B 309 -33.00 -0.36 -5.66
N HIS B 310 -32.52 0.34 -6.69
CA HIS B 310 -32.48 1.79 -6.66
C HIS B 310 -33.60 2.48 -7.41
N GLY B 311 -34.33 1.74 -8.22
CA GLY B 311 -35.42 2.34 -8.96
C GLY B 311 -34.96 3.14 -10.15
N ILE B 312 -33.98 2.61 -10.88
CA ILE B 312 -33.46 3.28 -12.06
C ILE B 312 -34.23 2.79 -13.28
N VAL B 313 -34.62 3.72 -14.14
CA VAL B 313 -35.38 3.41 -15.35
C VAL B 313 -34.55 3.63 -16.60
N PHE B 314 -34.71 2.75 -17.59
CA PHE B 314 -33.97 2.83 -18.84
C PHE B 314 -34.84 3.40 -19.96
N ASP B 315 -34.32 4.38 -20.69
CA ASP B 315 -35.07 5.02 -21.77
C ASP B 315 -34.31 6.11 -22.54
N GLY B 316 -33.30 5.73 -23.33
CA GLY B 316 -32.53 6.69 -24.09
C GLY B 316 -32.32 7.98 -23.33
N LYS B 317 -32.27 7.84 -22.01
CA LYS B 317 -32.07 8.94 -21.09
C LYS B 317 -30.61 9.40 -21.13
N ARG B 318 -30.08 9.53 -22.35
CA ARG B 318 -28.70 9.94 -22.53
C ARG B 318 -28.44 11.31 -21.88
N ASN B 319 -29.46 12.18 -21.88
CA ASN B 319 -29.38 13.54 -21.32
C ASN B 319 -28.01 13.87 -20.70
N ASN B 320 -27.21 14.59 -21.49
CA ASN B 320 -25.82 14.95 -21.14
C ASN B 320 -25.07 13.82 -20.46
N MET B 321 -24.59 12.86 -21.24
CA MET B 321 -23.86 11.79 -20.58
C MET B 321 -22.36 12.07 -20.52
N PRO B 322 -21.49 11.28 -21.19
CA PRO B 322 -20.08 11.65 -21.03
C PRO B 322 -19.96 13.08 -20.51
N MET B 323 -19.79 13.19 -19.20
CA MET B 323 -19.68 14.48 -18.55
C MET B 323 -18.80 15.41 -19.36
N LYS B 324 -18.23 14.85 -20.43
CA LYS B 324 -17.37 15.56 -21.36
C LYS B 324 -15.92 15.49 -20.89
N CYS B 325 -15.12 14.77 -21.66
CA CYS B 325 -13.71 14.56 -21.35
C CYS B 325 -12.79 15.10 -22.45
N ILE B 326 -11.64 15.62 -22.04
CA ILE B 326 -10.67 16.16 -22.98
C ILE B 326 -9.28 15.75 -22.54
N ILE B 327 -8.51 15.17 -23.46
CA ILE B 327 -7.16 14.72 -23.13
C ILE B 327 -6.13 15.80 -23.40
N ASP B 328 -5.09 15.82 -22.56
CA ASP B 328 -4.01 16.76 -22.76
C ASP B 328 -2.85 15.88 -23.16
N GLU B 329 -2.91 15.40 -24.38
CA GLU B 329 -1.91 14.56 -25.00
C GLU B 329 -0.51 14.60 -24.38
N ASN B 330 0.09 15.78 -24.30
CA ASN B 330 1.45 15.92 -23.77
C ASN B 330 1.63 15.71 -22.28
N ASN B 331 0.66 16.11 -21.48
CA ASN B 331 0.77 15.95 -20.05
C ASN B 331 0.05 14.70 -19.54
N ARG B 332 -0.52 13.93 -20.46
CA ARG B 332 -1.26 12.73 -20.11
C ARG B 332 -2.18 13.00 -18.93
N ILE B 333 -3.09 13.96 -19.16
CA ILE B 333 -4.08 14.37 -18.18
C ILE B 333 -5.38 14.63 -18.94
N VAL B 334 -6.47 14.00 -18.47
CA VAL B 334 -7.79 14.17 -19.07
C VAL B 334 -8.62 15.02 -18.12
N THR B 335 -9.14 16.14 -18.62
CA THR B 335 -9.97 17.01 -17.77
C THR B 335 -11.42 16.62 -17.94
N VAL B 336 -12.10 16.33 -16.85
CA VAL B 336 -13.50 15.92 -16.88
C VAL B 336 -14.41 16.99 -16.28
N THR B 337 -15.28 17.59 -17.11
CA THR B 337 -16.22 18.60 -16.61
C THR B 337 -17.23 17.84 -15.75
N THR B 338 -17.35 18.23 -14.48
CA THR B 338 -18.26 17.55 -13.56
C THR B 338 -19.28 18.45 -12.85
N LYS B 339 -19.30 19.73 -13.21
CA LYS B 339 -20.20 20.69 -12.56
C LYS B 339 -21.69 20.41 -12.69
N ASP B 340 -22.09 19.55 -13.60
CA ASP B 340 -23.51 19.27 -13.75
C ASP B 340 -23.92 18.05 -12.94
N TYR B 341 -23.09 17.72 -11.95
CA TYR B 341 -23.34 16.58 -11.10
C TYR B 341 -22.77 16.72 -9.70
N PHE B 342 -21.54 17.21 -9.60
CA PHE B 342 -20.94 17.31 -8.28
C PHE B 342 -20.51 18.72 -7.87
N SER B 343 -20.30 18.89 -6.57
CA SER B 343 -19.88 20.15 -6.00
C SER B 343 -18.61 20.66 -6.67
N PHE B 344 -17.71 19.74 -7.07
CA PHE B 344 -16.49 20.16 -7.74
C PHE B 344 -16.74 20.43 -9.21
N LYS B 345 -16.14 21.50 -9.71
CA LYS B 345 -16.27 21.95 -11.10
C LYS B 345 -15.73 20.96 -12.14
N LYS B 346 -14.54 20.44 -11.89
CA LYS B 346 -13.90 19.51 -12.81
C LYS B 346 -13.04 18.48 -12.09
N CYS B 347 -12.61 17.48 -12.86
CA CYS B 347 -11.76 16.42 -12.33
C CYS B 347 -10.56 16.24 -13.27
N LEU B 348 -9.36 16.27 -12.69
CA LEU B 348 -8.16 16.09 -13.48
C LEU B 348 -7.70 14.64 -13.31
N VAL B 349 -7.91 13.86 -14.35
CA VAL B 349 -7.54 12.46 -14.33
C VAL B 349 -6.15 12.27 -14.93
N TYR B 350 -5.18 11.96 -14.07
CA TYR B 350 -3.81 11.75 -14.50
C TYR B 350 -3.65 10.32 -14.97
N LEU B 351 -2.81 10.12 -15.98
CA LEU B 351 -2.56 8.78 -16.50
C LEU B 351 -1.20 8.24 -16.01
N ASP B 352 -0.55 9.02 -15.15
CA ASP B 352 0.75 8.66 -14.54
C ASP B 352 0.68 8.87 -13.03
N GLU B 353 0.47 7.77 -12.31
CA GLU B 353 0.37 7.83 -10.86
C GLU B 353 1.50 8.63 -10.21
N ASN B 354 2.75 8.30 -10.51
CA ASN B 354 3.84 9.03 -9.90
C ASN B 354 3.68 10.52 -10.10
N VAL B 355 3.18 10.92 -11.28
CA VAL B 355 3.00 12.32 -11.56
C VAL B 355 1.92 12.87 -10.64
N LEU B 356 0.78 12.17 -10.58
CA LEU B 356 -0.29 12.63 -9.69
C LEU B 356 0.24 12.77 -8.26
N SER B 357 0.97 11.77 -7.79
CA SER B 357 1.51 11.82 -6.44
C SER B 357 2.43 13.01 -6.23
N SER B 358 3.28 13.28 -7.22
CA SER B 358 4.21 14.40 -7.11
C SER B 358 3.46 15.73 -6.99
N ASP B 359 2.46 15.93 -7.85
CA ASP B 359 1.65 17.15 -7.84
C ASP B 359 0.82 17.30 -6.55
N ILE B 360 0.29 16.20 -6.03
CA ILE B 360 -0.48 16.30 -4.81
C ILE B 360 0.47 16.74 -3.69
N LEU B 361 1.70 16.25 -3.77
CA LEU B 361 2.70 16.63 -2.79
C LEU B 361 3.05 18.12 -2.93
N ASP B 362 3.01 18.62 -4.17
CA ASP B 362 3.31 20.04 -4.44
C ASP B 362 2.21 20.94 -3.84
N LEU B 363 1.03 20.38 -3.70
CA LEU B 363 -0.12 21.08 -3.14
C LEU B 363 -0.19 20.95 -1.62
N ASN B 364 0.84 20.35 -1.02
CA ASN B 364 0.87 20.16 0.41
C ASN B 364 -0.39 19.45 0.92
N ALA B 365 -0.99 18.62 0.09
CA ALA B 365 -2.18 17.91 0.50
C ALA B 365 -1.80 16.55 1.10
N ASP B 366 -1.86 16.42 2.42
CA ASP B 366 -1.53 15.14 3.07
C ASP B 366 -2.85 14.52 3.55
N THR B 367 -3.86 14.54 2.71
CA THR B 367 -5.17 14.05 3.13
C THR B 367 -5.89 13.21 2.08
N SER B 368 -5.29 13.10 0.91
CA SER B 368 -5.89 12.34 -0.17
C SER B 368 -6.54 11.02 0.28
N CYS B 369 -7.74 10.79 -0.23
CA CYS B 369 -8.51 9.57 0.09
C CYS B 369 -8.02 8.39 -0.76
N ASP B 370 -7.54 7.34 -0.11
CA ASP B 370 -7.04 6.18 -0.83
C ASP B 370 -7.87 4.94 -0.56
N PHE B 371 -8.14 4.16 -1.61
CA PHE B 371 -8.92 2.93 -1.43
C PHE B 371 -8.23 1.69 -1.99
N GLU B 372 -6.90 1.77 -2.08
CA GLU B 372 -6.06 0.67 -2.55
C GLU B 372 -6.55 -0.04 -3.82
N SER B 373 -6.66 -1.36 -3.77
CA SER B 373 -7.07 -2.16 -4.94
C SER B 373 -8.47 -1.82 -5.48
N VAL B 374 -9.37 -1.48 -4.58
CA VAL B 374 -10.76 -1.20 -4.98
C VAL B 374 -10.96 -0.11 -6.04
N THR B 375 -10.12 0.93 -6.04
CA THR B 375 -10.27 2.04 -6.96
C THR B 375 -8.96 2.23 -7.74
N ASN B 376 -7.91 1.61 -7.22
CA ASN B 376 -6.56 1.71 -7.78
C ASN B 376 -6.07 3.16 -7.87
N SER B 377 -6.61 4.00 -6.98
CA SER B 377 -6.21 5.37 -6.93
C SER B 377 -6.71 6.19 -5.75
N VAL B 378 -5.98 7.27 -5.49
CA VAL B 378 -6.32 8.20 -4.45
C VAL B 378 -7.22 9.28 -5.06
N TYR B 379 -7.98 9.96 -4.22
CA TYR B 379 -8.83 11.05 -4.69
C TYR B 379 -8.59 12.23 -3.80
N LEU B 380 -8.39 13.39 -4.42
CA LEU B 380 -8.16 14.62 -3.68
C LEU B 380 -8.98 15.72 -4.28
N ILE B 381 -9.55 16.55 -3.42
CA ILE B 381 -10.36 17.70 -3.82
C ILE B 381 -9.71 18.92 -3.19
N HIS B 382 -9.07 19.74 -4.01
CA HIS B 382 -8.39 20.91 -3.51
C HIS B 382 -9.23 22.16 -3.71
N ASP B 383 -8.64 23.24 -4.22
CA ASP B 383 -9.38 24.48 -4.40
C ASP B 383 -10.56 24.26 -5.35
N ASN B 384 -11.43 23.35 -4.92
CA ASN B 384 -12.64 22.93 -5.61
C ASN B 384 -12.47 21.97 -6.80
N ILE B 385 -11.24 21.52 -7.05
CA ILE B 385 -10.98 20.60 -8.16
C ILE B 385 -10.67 19.17 -7.69
N MET B 386 -11.11 18.18 -8.45
CA MET B 386 -10.80 16.80 -8.05
C MET B 386 -9.55 16.30 -8.77
N TYR B 387 -8.69 15.61 -8.02
CA TYR B 387 -7.45 15.07 -8.58
C TYR B 387 -7.43 13.55 -8.44
N THR B 388 -7.24 12.83 -9.54
CA THR B 388 -7.20 11.38 -9.44
C THR B 388 -6.42 10.75 -10.60
N TYR B 389 -6.20 9.45 -10.54
CA TYR B 389 -5.47 8.72 -11.57
C TYR B 389 -6.35 7.60 -12.11
N PHE B 390 -6.18 7.25 -13.38
CA PHE B 390 -7.05 6.23 -13.99
C PHE B 390 -6.60 4.76 -14.03
N SER B 391 -5.40 4.47 -14.49
CA SER B 391 -4.91 3.06 -14.48
C SER B 391 -5.37 2.18 -15.62
N ASN B 392 -6.32 2.67 -16.40
CA ASN B 392 -6.76 1.90 -17.55
C ASN B 392 -6.39 2.70 -18.78
N THR B 393 -6.28 2.01 -19.90
CA THR B 393 -5.96 2.66 -21.16
C THR B 393 -7.06 3.66 -21.51
N ILE B 394 -6.72 4.70 -22.27
CA ILE B 394 -7.72 5.67 -22.68
C ILE B 394 -7.93 5.60 -24.18
N LEU B 395 -9.12 5.15 -24.56
CA LEU B 395 -9.51 4.99 -25.95
C LEU B 395 -9.76 6.34 -26.62
N LEU B 396 -9.50 6.39 -27.92
CA LEU B 396 -9.72 7.62 -28.68
C LEU B 396 -10.54 7.40 -29.95
N SER B 397 -11.47 8.31 -30.19
CA SER B 397 -12.33 8.27 -31.37
C SER B 397 -11.51 8.72 -32.55
N ASP B 398 -10.93 9.91 -32.43
CA ASP B 398 -10.11 10.50 -33.48
C ASP B 398 -8.90 11.17 -32.85
N LYS B 399 -8.24 12.01 -33.62
CA LYS B 399 -7.05 12.74 -33.17
C LYS B 399 -7.35 13.60 -31.94
N GLY B 400 -6.92 13.14 -30.77
CA GLY B 400 -7.14 13.89 -29.55
C GLY B 400 -8.58 13.90 -29.04
N LYS B 401 -9.34 12.85 -29.31
CA LYS B 401 -10.72 12.80 -28.84
C LYS B 401 -11.00 11.55 -28.04
N VAL B 402 -11.49 11.72 -26.81
CA VAL B 402 -11.79 10.58 -25.98
C VAL B 402 -13.02 9.84 -26.49
N HIS B 403 -12.88 8.53 -26.64
CA HIS B 403 -13.97 7.70 -27.10
C HIS B 403 -15.00 7.61 -25.97
N GLU B 404 -16.28 7.64 -26.34
CA GLU B 404 -17.35 7.57 -25.34
C GLU B 404 -17.16 6.44 -24.34
N ILE B 405 -16.59 5.32 -24.78
CA ILE B 405 -16.36 4.18 -23.89
C ILE B 405 -15.42 4.56 -22.75
N SER B 406 -14.45 5.44 -23.02
CA SER B 406 -13.54 5.87 -21.96
C SER B 406 -14.16 7.01 -21.16
N ALA B 407 -14.87 7.92 -21.83
CA ALA B 407 -15.49 9.03 -21.09
C ALA B 407 -16.45 8.39 -20.09
N ARG B 408 -17.16 7.37 -20.55
CA ARG B 408 -18.09 6.64 -19.71
C ARG B 408 -17.29 5.92 -18.63
N GLY B 409 -16.13 5.41 -19.01
CA GLY B 409 -15.27 4.70 -18.07
C GLY B 409 -14.73 5.66 -17.04
N LEU B 410 -14.54 6.91 -17.43
CA LEU B 410 -14.02 7.93 -16.52
C LEU B 410 -15.07 8.34 -15.49
N CYS B 411 -16.34 8.31 -15.88
CA CYS B 411 -17.41 8.68 -14.95
C CYS B 411 -17.50 7.63 -13.87
N ALA B 412 -17.47 6.37 -14.29
CA ALA B 412 -17.55 5.26 -13.34
C ALA B 412 -16.49 5.43 -12.27
N HIS B 413 -15.25 5.70 -12.69
CA HIS B 413 -14.15 5.87 -11.75
C HIS B 413 -14.46 6.91 -10.69
N ILE B 414 -14.95 8.06 -11.13
CA ILE B 414 -15.31 9.14 -10.23
C ILE B 414 -16.47 8.70 -9.32
N LEU B 415 -17.45 7.97 -9.89
CA LEU B 415 -18.60 7.49 -9.13
C LEU B 415 -18.20 6.53 -8.03
N LEU B 416 -17.12 5.79 -8.24
CA LEU B 416 -16.65 4.86 -7.24
C LEU B 416 -16.40 5.65 -5.95
N TYR B 417 -15.78 6.81 -6.12
CA TYR B 417 -15.46 7.68 -4.99
C TYR B 417 -16.70 8.14 -4.26
N GLN B 418 -17.74 8.50 -5.01
CA GLN B 418 -18.99 8.95 -4.40
C GLN B 418 -19.53 7.89 -3.47
N MET B 419 -19.67 6.66 -3.97
CA MET B 419 -20.18 5.57 -3.16
C MET B 419 -19.32 5.28 -1.95
N LEU B 420 -18.00 5.29 -2.13
CA LEU B 420 -17.10 5.01 -1.01
C LEU B 420 -17.21 6.08 0.05
N THR B 421 -17.70 7.26 -0.33
CA THR B 421 -17.85 8.36 0.62
C THR B 421 -19.32 8.68 0.85
N SER B 422 -20.18 7.72 0.53
CA SER B 422 -21.62 7.86 0.71
C SER B 422 -22.21 9.15 0.16
N GLY B 423 -21.58 9.71 -0.86
CA GLY B 423 -22.10 10.91 -1.47
C GLY B 423 -23.17 10.63 -2.51
N GLU B 424 -23.55 11.66 -3.23
CA GLU B 424 -24.56 11.62 -4.27
C GLU B 424 -24.11 10.79 -5.48
N TYR B 425 -24.88 9.77 -5.87
CA TYR B 425 -24.48 8.90 -7.00
C TYR B 425 -25.58 8.18 -7.78
N LYS B 426 -26.80 8.69 -7.81
CA LYS B 426 -27.85 7.97 -8.54
C LYS B 426 -28.25 8.55 -9.89
N GLN B 427 -28.41 9.87 -9.94
CA GLN B 427 -28.81 10.55 -11.16
C GLN B 427 -27.85 10.22 -12.30
N CYS B 428 -26.55 10.44 -12.08
CA CYS B 428 -25.57 10.17 -13.14
C CYS B 428 -25.36 8.68 -13.39
N LEU B 429 -25.55 7.85 -12.37
CA LEU B 429 -25.39 6.42 -12.60
C LEU B 429 -26.51 6.00 -13.53
N SER B 430 -27.69 6.60 -13.34
CA SER B 430 -28.83 6.31 -14.19
C SER B 430 -28.50 6.83 -15.59
N ASP B 431 -28.24 8.13 -15.69
CA ASP B 431 -27.91 8.72 -16.97
C ASP B 431 -26.78 7.97 -17.67
N LEU B 432 -25.73 7.61 -16.93
CA LEU B 432 -24.60 6.88 -17.52
C LEU B 432 -25.07 5.60 -18.20
N LEU B 433 -25.85 4.82 -17.47
CA LEU B 433 -26.38 3.57 -17.99
C LEU B 433 -27.28 3.75 -19.19
N ASN B 434 -28.13 4.77 -19.18
CA ASN B 434 -29.02 5.02 -20.30
C ASN B 434 -28.24 5.39 -21.55
N SER B 435 -27.21 6.23 -21.38
CA SER B 435 -26.37 6.69 -22.47
C SER B 435 -25.70 5.56 -23.20
N MET B 436 -25.68 4.39 -22.59
CA MET B 436 -25.08 3.22 -23.20
C MET B 436 -26.10 2.54 -24.11
N MET B 437 -27.35 3.00 -24.04
CA MET B 437 -28.44 2.42 -24.82
C MET B 437 -28.54 2.95 -26.25
N ASN B 438 -29.00 2.07 -27.13
CA ASN B 438 -29.19 2.39 -28.53
C ASN B 438 -28.08 3.28 -29.07
N ARG B 439 -26.88 2.71 -29.07
CA ARG B 439 -25.69 3.37 -29.56
C ARG B 439 -25.15 2.64 -30.77
N ASP B 440 -24.30 3.33 -31.52
CA ASP B 440 -23.69 2.76 -32.71
C ASP B 440 -22.22 2.48 -32.41
N LYS B 441 -21.75 1.30 -32.77
CA LYS B 441 -20.37 0.93 -32.55
C LYS B 441 -19.51 2.06 -33.13
N ILE B 442 -18.54 2.54 -32.35
CA ILE B 442 -17.67 3.62 -32.81
C ILE B 442 -16.26 3.08 -32.80
N PRO B 443 -15.64 2.96 -33.96
CA PRO B 443 -14.27 2.44 -34.04
C PRO B 443 -13.21 3.19 -33.23
N ILE B 444 -12.25 2.43 -32.71
CA ILE B 444 -11.14 2.95 -31.91
C ILE B 444 -10.01 3.41 -32.80
N TYR B 445 -9.69 4.70 -32.74
CA TYR B 445 -8.63 5.26 -33.55
C TYR B 445 -7.28 4.95 -32.91
N SER B 446 -7.23 5.02 -31.59
CA SER B 446 -6.00 4.75 -30.85
C SER B 446 -6.28 4.75 -29.35
N HIS B 447 -5.25 4.48 -28.57
CA HIS B 447 -5.38 4.50 -27.13
C HIS B 447 -4.04 4.81 -26.49
N THR B 448 -4.11 5.45 -25.31
CA THR B 448 -2.94 5.81 -24.52
C THR B 448 -2.44 4.51 -23.88
N GLU B 449 -1.16 4.46 -23.52
CA GLU B 449 -0.62 3.27 -22.87
C GLU B 449 -0.69 3.54 -21.37
N ARG B 450 -0.95 2.52 -20.57
CA ARG B 450 -1.01 2.75 -19.13
C ARG B 450 0.42 2.96 -18.67
N ASP B 451 0.59 3.65 -17.53
CA ASP B 451 1.91 3.91 -17.01
C ASP B 451 2.60 2.64 -16.55
N LYS B 452 3.92 2.61 -16.66
CA LYS B 452 4.69 1.46 -16.24
C LYS B 452 4.72 1.44 -14.73
N LYS B 453 4.43 0.28 -14.16
CA LYS B 453 4.44 0.13 -12.72
C LYS B 453 5.54 -0.87 -12.38
N PRO B 454 6.74 -0.34 -12.10
CA PRO B 454 7.97 -1.06 -11.75
C PRO B 454 7.89 -1.85 -10.47
N GLY B 455 8.86 -2.73 -10.30
CA GLY B 455 8.90 -3.54 -9.09
C GLY B 455 9.33 -4.97 -9.30
N ARG B 456 9.64 -5.61 -8.18
CA ARG B 456 10.07 -7.00 -8.19
C ARG B 456 8.89 -7.95 -8.03
N HIS B 457 9.01 -9.12 -8.65
CA HIS B 457 8.01 -10.17 -8.54
C HIS B 457 8.49 -10.99 -7.34
N GLY B 458 8.03 -10.63 -6.15
CA GLY B 458 8.44 -11.33 -4.96
C GLY B 458 7.78 -12.70 -4.80
N PHE B 459 8.32 -13.52 -3.91
CA PHE B 459 7.74 -14.84 -3.73
C PHE B 459 8.13 -15.51 -2.43
N ILE B 460 7.44 -16.62 -2.15
CA ILE B 460 7.72 -17.43 -0.97
C ILE B 460 7.84 -18.88 -1.41
N ASN B 461 9.05 -19.40 -1.41
CA ASN B 461 9.26 -20.80 -1.78
C ASN B 461 9.47 -21.58 -0.49
N ILE B 462 8.41 -22.24 -0.05
CA ILE B 462 8.46 -23.00 1.19
C ILE B 462 9.49 -24.13 1.25
N GLU B 463 9.53 -25.02 0.26
CA GLU B 463 10.50 -26.10 0.36
C GLU B 463 11.94 -25.61 0.25
N LYS B 464 12.13 -24.43 -0.33
CA LYS B 464 13.47 -23.87 -0.48
C LYS B 464 13.81 -22.91 0.65
N ASP B 465 12.84 -22.70 1.55
CA ASP B 465 13.02 -21.79 2.68
C ASP B 465 13.50 -20.42 2.23
N ILE B 466 12.87 -19.89 1.18
CA ILE B 466 13.26 -18.59 0.67
C ILE B 466 12.09 -17.65 0.60
N ILE B 467 12.35 -16.40 0.93
CA ILE B 467 11.34 -15.37 0.83
C ILE B 467 12.07 -14.17 0.23
N VAL B 468 11.57 -13.68 -0.89
CA VAL B 468 12.17 -12.54 -1.55
C VAL B 468 11.11 -11.55 -1.98
N PHE B 469 11.27 -10.30 -1.56
CA PHE B 469 10.36 -9.21 -1.92
C PHE B 469 11.20 -8.01 -2.31
#